data_8Q24
#
_entry.id   8Q24
#
_cell.length_a   78.739
_cell.length_b   177.986
_cell.length_c   58.266
_cell.angle_alpha   90.000
_cell.angle_beta   90.000
_cell.angle_gamma   90.000
#
_symmetry.space_group_name_H-M   'P 21 21 2'
#
loop_
_entity.id
_entity.type
_entity.pdbx_description
1 polymer 'Glycylpeptide N-tetradecanoyltransferase 1'
2 polymer DAB-SER-PHE-SER-LYS-PRO-ARG
3 non-polymer TETRADECANOYL-COA
4 non-polymer GLYCEROL
5 non-polymer 'CHLORIDE ION'
6 water water
#
loop_
_entity_poly.entity_id
_entity_poly.type
_entity_poly.pdbx_seq_one_letter_code
_entity_poly.pdbx_strand_id
1 'polypeptide(L)'
;GGSEFSVGQGPAKTMEEASKRSYQFWDTQPVPKLGEVVNTHGPVEPDKDNIRQEPYTLPQGFTWDALDLGDRGVLKELYT
LLNENYVEDDDNMFRFDYSPEFLLWALRPPGWLPQWHCGVRVVSSRKLVGFISAIPANIHIYDTEKKMVEINFLCVHKKL
RSKRVAPVLIREITRRVHLEGIFQAVYTAGVVLPKPVGTCRYWHRSLNPRKLIEVKFSHLSRNMTMQRTMKLYRLPETPK
TAGLRPMETKDIPVVHQLLTRYLKQFHLTPVMSQEEVEHWFYPQENIIDTFVVENANGEVTDFLSFYTLPSTIMNHPTHK
SLKAAYSFYNVHTQTPLLDLMSDALVLAKMKGFDVFNALDLMENKTFLEKLKFGIGDGNLQYYLYNWKCPSMGAEKVGLV
LQ
;
A,B
2 'polypeptide(L)' (DAB)SFSKPR E,C
#
loop_
_chem_comp.id
_chem_comp.type
_chem_comp.name
_chem_comp.formula
CL non-polymer 'CHLORIDE ION' 'Cl -1'
GOL non-polymer GLYCEROL 'C3 H8 O3'
MYA non-polymer TETRADECANOYL-COA 'C35 H62 N7 O17 P3 S'
#
# COMPACT_ATOMS: atom_id res chain seq x y z
N ALA A 12 29.68 -17.36 -8.59
CA ALA A 12 29.32 -18.79 -8.59
C ALA A 12 27.94 -19.05 -9.20
N LYS A 13 27.88 -19.92 -10.20
CA LYS A 13 26.64 -20.20 -10.90
C LYS A 13 26.06 -21.59 -10.60
N THR A 14 26.78 -22.44 -9.87
CA THR A 14 26.26 -23.71 -9.43
C THR A 14 26.40 -23.83 -7.91
N MET A 15 25.56 -24.68 -7.32
CA MET A 15 25.61 -24.92 -5.88
C MET A 15 26.89 -25.63 -5.45
N GLU A 16 27.64 -26.21 -6.40
CA GLU A 16 28.94 -26.78 -6.08
C GLU A 16 30.01 -25.71 -5.96
N GLU A 17 29.95 -24.68 -6.82
CA GLU A 17 30.86 -23.54 -6.68
C GLU A 17 30.55 -22.75 -5.43
N ALA A 18 29.26 -22.55 -5.13
CA ALA A 18 28.87 -21.81 -3.94
C ALA A 18 29.16 -22.58 -2.65
N SER A 19 29.38 -23.88 -2.74
CA SER A 19 29.71 -24.66 -1.55
C SER A 19 31.04 -24.21 -0.95
N LYS A 20 31.98 -23.79 -1.81
CA LYS A 20 33.32 -23.46 -1.33
C LYS A 20 33.40 -22.04 -0.78
N ARG A 21 32.71 -21.10 -1.43
CA ARG A 21 32.89 -19.68 -1.19
C ARG A 21 32.51 -19.29 0.24
N SER A 22 32.89 -18.07 0.61
CA SER A 22 32.34 -17.35 1.75
C SER A 22 31.70 -16.06 1.24
N TYR A 23 30.73 -15.54 1.99
CA TYR A 23 29.89 -14.44 1.51
C TYR A 23 30.01 -13.25 2.46
N GLN A 24 30.98 -12.36 2.16
CA GLN A 24 31.31 -11.23 3.04
C GLN A 24 30.08 -10.39 3.35
N PHE A 25 29.25 -10.13 2.35
CA PHE A 25 28.06 -9.31 2.53
C PHE A 25 26.85 -10.14 3.00
N TRP A 26 26.54 -11.23 2.32
CA TRP A 26 25.31 -11.96 2.64
C TRP A 26 25.37 -12.62 4.00
N ASP A 27 26.56 -12.92 4.52
CA ASP A 27 26.66 -13.40 5.90
C ASP A 27 26.11 -12.38 6.89
N THR A 28 26.14 -11.09 6.55
CA THR A 28 25.61 -10.07 7.45
C THR A 28 24.10 -9.85 7.30
N GLN A 29 23.44 -10.52 6.33
CA GLN A 29 22.05 -10.21 6.01
C GLN A 29 21.09 -11.23 6.60
N PRO A 30 19.81 -10.88 6.76
CA PRO A 30 18.82 -11.83 7.31
C PRO A 30 18.31 -12.81 6.25
N VAL A 31 19.20 -13.70 5.84
CA VAL A 31 18.90 -14.80 4.91
C VAL A 31 19.46 -16.09 5.50
N PRO A 32 18.91 -17.25 5.16
CA PRO A 32 19.47 -18.50 5.69
C PRO A 32 20.83 -18.81 5.09
N LYS A 33 21.58 -19.63 5.81
CA LYS A 33 22.90 -20.06 5.38
C LYS A 33 22.80 -21.07 4.24
N LEU A 34 23.80 -21.04 3.35
CA LEU A 34 23.77 -21.88 2.15
C LEU A 34 23.68 -23.36 2.49
N GLY A 35 24.43 -23.81 3.50
CA GLY A 35 24.32 -25.21 3.88
C GLY A 35 22.98 -25.53 4.51
N GLU A 36 22.47 -24.61 5.33
CA GLU A 36 21.26 -24.78 6.13
C GLU A 36 20.12 -25.42 5.33
N VAL A 37 19.48 -26.41 5.94
CA VAL A 37 18.21 -26.94 5.44
C VAL A 37 17.13 -26.43 6.39
N VAL A 38 16.08 -25.86 5.83
CA VAL A 38 15.11 -25.07 6.58
C VAL A 38 13.81 -25.85 6.68
N ASN A 39 13.25 -25.95 7.89
CA ASN A 39 11.94 -26.54 8.05
C ASN A 39 11.01 -25.67 8.89
N THR A 40 11.28 -24.37 8.96
CA THR A 40 10.42 -23.37 9.58
C THR A 40 9.87 -22.43 8.50
N HIS A 41 8.95 -21.54 8.90
CA HIS A 41 8.35 -20.57 7.99
C HIS A 41 8.19 -19.26 8.74
N GLY A 42 8.93 -18.22 8.35
CA GLY A 42 8.77 -16.93 8.99
C GLY A 42 9.97 -16.00 8.90
N PRO A 43 9.85 -14.81 9.50
CA PRO A 43 10.93 -13.81 9.39
C PRO A 43 12.22 -14.28 10.05
N VAL A 44 13.34 -13.78 9.53
CA VAL A 44 14.63 -14.02 10.18
C VAL A 44 14.83 -13.05 11.33
N GLU A 45 14.41 -11.80 11.16
CA GLU A 45 14.57 -10.78 12.18
C GLU A 45 13.27 -10.00 12.31
N PRO A 46 13.04 -9.35 13.45
CA PRO A 46 11.77 -8.63 13.65
C PRO A 46 11.67 -7.38 12.80
N ASP A 47 10.42 -6.99 12.53
CA ASP A 47 10.16 -5.67 11.96
C ASP A 47 10.83 -4.60 12.81
N LYS A 48 11.40 -3.59 12.16
CA LYS A 48 12.15 -2.55 12.86
C LYS A 48 11.21 -1.43 13.30
N ASP A 49 11.29 -1.04 14.57
CA ASP A 49 10.51 0.11 15.01
C ASP A 49 11.35 1.39 15.02
N ASN A 50 12.62 1.32 14.63
N ASN A 50 12.58 1.31 14.51
CA ASN A 50 13.35 2.54 14.38
CA ASN A 50 13.51 2.43 14.46
C ASN A 50 14.30 2.28 13.22
C ASN A 50 14.34 2.24 13.19
N ILE A 51 14.22 3.14 12.21
CA ILE A 51 14.95 2.98 10.96
C ILE A 51 15.90 4.14 10.75
N ARG A 52 17.12 3.80 10.34
CA ARG A 52 18.16 4.75 9.95
C ARG A 52 17.61 5.84 9.03
N GLN A 53 17.74 7.10 9.44
CA GLN A 53 17.15 8.22 8.71
C GLN A 53 18.05 8.76 7.62
N GLU A 54 19.34 8.56 7.73
CA GLU A 54 20.39 9.01 6.83
C GLU A 54 20.69 7.93 5.79
N PRO A 55 20.80 8.32 4.52
CA PRO A 55 21.29 7.40 3.49
C PRO A 55 22.67 6.87 3.85
N TYR A 56 22.93 5.63 3.44
CA TYR A 56 24.26 5.04 3.60
C TYR A 56 25.31 5.83 2.83
N THR A 57 26.52 5.80 3.34
CA THR A 57 27.63 6.55 2.76
C THR A 57 28.14 5.88 1.48
N LEU A 58 28.25 6.66 0.43
CA LEU A 58 28.80 6.15 -0.80
C LEU A 58 30.29 6.50 -0.85
N PRO A 59 31.05 5.83 -1.73
CA PRO A 59 32.42 6.26 -1.97
C PRO A 59 32.49 7.76 -2.28
N GLN A 60 33.65 8.35 -1.98
CA GLN A 60 33.86 9.76 -2.27
C GLN A 60 33.58 10.05 -3.73
N GLY A 61 32.82 11.12 -3.98
CA GLY A 61 32.53 11.54 -5.34
C GLY A 61 31.30 10.93 -5.98
N PHE A 62 30.47 10.22 -5.20
CA PHE A 62 29.21 9.67 -5.69
C PHE A 62 28.09 10.05 -4.75
N THR A 63 26.86 10.10 -5.28
CA THR A 63 25.73 10.53 -4.49
C THR A 63 24.47 9.81 -4.94
N TRP A 64 23.50 9.74 -4.03
CA TRP A 64 22.21 9.11 -4.31
C TRP A 64 21.31 10.04 -5.12
N ASP A 65 20.39 9.45 -5.89
CA ASP A 65 19.35 10.25 -6.56
C ASP A 65 18.16 9.37 -6.92
N ALA A 66 16.96 9.78 -6.52
CA ALA A 66 15.75 9.07 -6.91
C ALA A 66 15.35 9.47 -8.33
N LEU A 67 15.20 8.49 -9.22
CA LEU A 67 14.98 8.79 -10.63
C LEU A 67 13.49 8.91 -10.92
N ASP A 68 13.07 10.10 -11.35
CA ASP A 68 11.69 10.35 -11.78
C ASP A 68 11.57 9.88 -13.23
N LEU A 69 10.94 8.73 -13.43
CA LEU A 69 10.89 8.13 -14.76
C LEU A 69 9.84 8.79 -15.65
N GLY A 70 8.96 9.63 -15.09
CA GLY A 70 8.10 10.47 -15.89
C GLY A 70 8.85 11.59 -16.57
N ASP A 71 10.09 11.85 -16.14
CA ASP A 71 10.98 12.75 -16.86
C ASP A 71 11.65 11.96 -17.97
N ARG A 72 11.40 12.36 -19.23
CA ARG A 72 11.83 11.54 -20.36
C ARG A 72 13.35 11.50 -20.47
N GLY A 73 14.02 12.59 -20.12
CA GLY A 73 15.47 12.60 -20.14
C GLY A 73 16.07 11.72 -19.07
N VAL A 74 15.42 11.63 -17.91
CA VAL A 74 15.92 10.75 -16.86
C VAL A 74 15.71 9.29 -17.24
N LEU A 75 14.52 8.96 -17.72
CA LEU A 75 14.26 7.63 -18.25
C LEU A 75 15.27 7.26 -19.32
N LYS A 76 15.64 8.21 -20.18
CA LYS A 76 16.69 7.95 -21.17
C LYS A 76 18.02 7.63 -20.50
N GLU A 77 18.37 8.33 -19.42
CA GLU A 77 19.61 8.01 -18.71
C GLU A 77 19.59 6.59 -18.17
N LEU A 78 18.43 6.14 -17.68
CA LEU A 78 18.35 4.80 -17.08
C LEU A 78 18.49 3.72 -18.14
N TYR A 79 17.73 3.79 -19.25
CA TYR A 79 17.88 2.70 -20.20
C TYR A 79 19.24 2.73 -20.88
N THR A 80 19.91 3.87 -20.92
CA THR A 80 21.28 3.88 -21.44
C THR A 80 22.22 3.14 -20.49
N LEU A 81 22.13 3.45 -19.20
CA LEU A 81 22.89 2.71 -18.19
C LEU A 81 22.61 1.22 -18.29
N LEU A 82 21.33 0.83 -18.43
CA LEU A 82 21.01 -0.61 -18.46
C LEU A 82 21.46 -1.24 -19.76
N ASN A 83 21.24 -0.59 -20.89
CA ASN A 83 21.60 -1.19 -22.17
C ASN A 83 23.11 -1.37 -22.32
N GLU A 84 23.90 -0.56 -21.63
CA GLU A 84 25.36 -0.67 -21.72
C GLU A 84 26.00 -1.43 -20.56
N ASN A 85 25.26 -1.67 -19.46
CA ASN A 85 25.90 -2.25 -18.28
C ASN A 85 25.08 -3.34 -17.57
N TYR A 86 23.90 -3.72 -18.05
CA TYR A 86 23.08 -4.69 -17.34
C TYR A 86 23.35 -6.10 -17.88
N VAL A 87 22.39 -7.02 -17.69
CA VAL A 87 22.64 -8.46 -17.78
C VAL A 87 23.00 -8.85 -19.21
N GLU A 88 24.05 -9.65 -19.34
CA GLU A 88 24.43 -10.27 -20.61
C GLU A 88 24.30 -11.79 -20.49
N ASP A 89 24.25 -12.45 -21.64
CA ASP A 89 24.51 -13.87 -21.69
C ASP A 89 25.96 -14.13 -21.28
N ASP A 90 26.22 -15.31 -20.71
CA ASP A 90 27.56 -15.57 -20.19
C ASP A 90 28.61 -15.65 -21.29
N ASP A 91 28.21 -15.83 -22.55
CA ASP A 91 29.13 -15.75 -23.68
C ASP A 91 29.43 -14.32 -24.11
N ASN A 92 28.73 -13.33 -23.54
CA ASN A 92 28.93 -11.91 -23.84
C ASN A 92 28.61 -11.58 -25.29
N MET A 93 27.66 -12.31 -25.87
CA MET A 93 27.23 -12.07 -27.24
C MET A 93 26.01 -11.16 -27.33
N PHE A 94 25.14 -11.19 -26.33
CA PHE A 94 23.89 -10.45 -26.38
C PHE A 94 23.60 -9.79 -25.04
N ARG A 95 23.14 -8.55 -25.08
CA ARG A 95 22.71 -7.82 -23.90
C ARG A 95 21.26 -7.41 -24.08
N PHE A 96 20.48 -7.49 -23.00
CA PHE A 96 19.10 -7.02 -23.03
C PHE A 96 19.04 -5.59 -23.53
N ASP A 97 18.04 -5.29 -24.35
CA ASP A 97 17.84 -3.94 -24.88
C ASP A 97 16.49 -3.44 -24.34
N TYR A 98 16.54 -2.81 -23.18
CA TYR A 98 15.32 -2.39 -22.49
C TYR A 98 14.82 -1.08 -23.10
N SER A 99 13.56 -1.07 -23.56
CA SER A 99 13.00 0.15 -24.11
C SER A 99 12.47 1.04 -22.98
N PRO A 100 12.39 2.36 -23.22
CA PRO A 100 11.78 3.25 -22.21
C PRO A 100 10.40 2.81 -21.79
N GLU A 101 9.56 2.40 -22.77
CA GLU A 101 8.20 1.98 -22.47
C GLU A 101 8.18 0.69 -21.67
N PHE A 102 9.07 -0.24 -21.99
CA PHE A 102 9.18 -1.45 -21.18
C PHE A 102 9.54 -1.09 -19.73
N LEU A 103 10.49 -0.18 -19.55
CA LEU A 103 10.89 0.17 -18.19
C LEU A 103 9.74 0.79 -17.40
N LEU A 104 8.93 1.64 -18.05
CA LEU A 104 7.78 2.20 -17.34
C LEU A 104 6.81 1.11 -16.92
N TRP A 105 6.60 0.11 -17.79
CA TRP A 105 5.77 -1.03 -17.46
C TRP A 105 6.33 -1.79 -16.25
N ALA A 106 7.63 -2.08 -16.28
CA ALA A 106 8.22 -2.90 -15.23
C ALA A 106 8.37 -2.12 -13.92
N LEU A 107 8.53 -0.80 -14.00
CA LEU A 107 8.95 0.00 -12.84
C LEU A 107 7.87 0.92 -12.30
N ARG A 108 6.76 1.07 -13.02
CA ARG A 108 5.65 1.84 -12.46
C ARG A 108 4.35 1.03 -12.39
N PRO A 109 4.36 -0.17 -11.79
CA PRO A 109 3.09 -0.84 -11.51
C PRO A 109 2.33 -0.08 -10.43
N PRO A 110 1.09 -0.47 -10.13
CA PRO A 110 0.36 0.21 -9.04
C PRO A 110 1.14 0.20 -7.74
N GLY A 111 1.18 1.35 -7.06
CA GLY A 111 1.89 1.50 -5.80
C GLY A 111 3.36 1.85 -5.92
N TRP A 112 3.87 2.03 -7.14
CA TRP A 112 5.27 2.42 -7.30
C TRP A 112 5.58 3.70 -6.54
N LEU A 113 6.83 3.84 -6.09
CA LEU A 113 7.28 4.99 -5.33
C LEU A 113 8.56 5.55 -5.95
N PRO A 114 8.67 6.88 -6.07
CA PRO A 114 9.88 7.46 -6.68
C PRO A 114 11.16 7.15 -5.89
N GLN A 115 11.10 7.18 -4.56
CA GLN A 115 12.29 6.91 -3.74
C GLN A 115 12.82 5.49 -3.97
N TRP A 116 12.00 4.60 -4.50
CA TRP A 116 12.40 3.23 -4.76
C TRP A 116 13.02 3.03 -6.14
N HIS A 117 13.13 4.10 -6.93
CA HIS A 117 13.91 4.06 -8.18
C HIS A 117 15.23 4.74 -7.82
N CYS A 118 16.16 3.94 -7.30
CA CYS A 118 17.27 4.48 -6.51
C CYS A 118 18.52 4.51 -7.38
N GLY A 119 18.96 5.71 -7.74
CA GLY A 119 20.12 5.88 -8.59
C GLY A 119 21.36 6.31 -7.83
N VAL A 120 22.52 6.06 -8.45
CA VAL A 120 23.81 6.59 -8.02
C VAL A 120 24.38 7.43 -9.15
N ARG A 121 24.79 8.67 -8.83
CA ARG A 121 25.35 9.58 -9.80
C ARG A 121 26.72 10.07 -9.33
N VAL A 122 27.59 10.33 -10.31
CA VAL A 122 28.84 11.04 -10.06
C VAL A 122 28.51 12.45 -9.59
N VAL A 123 29.13 12.88 -8.48
CA VAL A 123 28.77 14.16 -7.87
C VAL A 123 28.99 15.31 -8.86
N SER A 124 30.16 15.33 -9.50
CA SER A 124 30.57 16.51 -10.27
C SER A 124 29.83 16.61 -11.61
N SER A 125 29.69 15.51 -12.34
CA SER A 125 29.07 15.49 -13.65
C SER A 125 27.60 15.10 -13.64
N ARG A 126 27.11 14.52 -12.54
CA ARG A 126 25.77 13.95 -12.42
C ARG A 126 25.54 12.74 -13.30
N LYS A 127 26.60 12.13 -13.84
CA LYS A 127 26.42 10.96 -14.68
C LYS A 127 25.81 9.80 -13.89
N LEU A 128 24.81 9.14 -14.46
CA LEU A 128 24.18 8.01 -13.81
C LEU A 128 25.09 6.79 -13.94
N VAL A 129 25.53 6.24 -12.80
CA VAL A 129 26.46 5.11 -12.79
C VAL A 129 25.97 3.92 -11.98
N GLY A 130 24.80 4.02 -11.33
CA GLY A 130 24.27 2.88 -10.59
C GLY A 130 22.77 2.97 -10.42
N PHE A 131 22.15 1.82 -10.19
CA PHE A 131 20.70 1.76 -10.07
C PHE A 131 20.32 0.50 -9.32
N ILE A 132 19.20 0.58 -8.61
CA ILE A 132 18.48 -0.58 -8.10
C ILE A 132 17.06 -0.12 -7.86
N SER A 133 16.10 -1.03 -8.03
CA SER A 133 14.71 -0.64 -7.85
C SER A 133 13.96 -1.62 -6.97
N ALA A 134 12.91 -1.10 -6.34
CA ALA A 134 11.92 -1.89 -5.64
C ALA A 134 10.53 -1.51 -6.14
N ILE A 135 9.67 -2.51 -6.33
CA ILE A 135 8.25 -2.28 -6.60
C ILE A 135 7.46 -3.09 -5.60
N PRO A 136 6.30 -2.63 -5.13
CA PRO A 136 5.56 -3.40 -4.13
C PRO A 136 4.84 -4.57 -4.76
N ALA A 137 4.70 -5.64 -3.99
CA ALA A 137 3.93 -6.80 -4.42
C ALA A 137 3.47 -7.59 -3.20
N ASN A 138 2.20 -7.99 -3.21
CA ASN A 138 1.73 -8.97 -2.24
C ASN A 138 2.13 -10.36 -2.71
N ILE A 139 2.78 -11.12 -1.83
CA ILE A 139 3.39 -12.38 -2.18
C ILE A 139 2.77 -13.49 -1.32
N HIS A 140 2.33 -14.55 -1.97
CA HIS A 140 1.89 -15.75 -1.27
C HIS A 140 3.08 -16.70 -1.20
N ILE A 141 3.50 -17.06 0.00
CA ILE A 141 4.60 -17.99 0.18
C ILE A 141 4.14 -19.07 1.15
N TYR A 142 4.02 -20.30 0.65
CA TYR A 142 3.42 -21.41 1.38
C TYR A 142 2.09 -20.99 1.98
N ASP A 143 1.95 -20.98 3.31
CA ASP A 143 0.66 -20.67 3.91
C ASP A 143 0.56 -19.21 4.38
N THR A 144 1.43 -18.33 3.92
CA THR A 144 1.45 -16.95 4.38
C THR A 144 1.35 -16.00 3.19
N GLU A 145 0.56 -14.95 3.36
CA GLU A 145 0.55 -13.83 2.42
C GLU A 145 1.19 -12.63 3.09
N LYS A 146 2.18 -12.02 2.43
CA LYS A 146 2.92 -10.89 2.97
C LYS A 146 3.02 -9.79 1.92
N LYS A 147 2.93 -8.53 2.36
CA LYS A 147 3.32 -7.43 1.50
C LYS A 147 4.84 -7.39 1.44
N MET A 148 5.39 -7.42 0.23
CA MET A 148 6.84 -7.41 0.03
C MET A 148 7.17 -6.39 -1.05
N VAL A 149 8.46 -6.31 -1.40
CA VAL A 149 8.85 -5.66 -2.64
C VAL A 149 9.58 -6.67 -3.50
N GLU A 150 9.56 -6.41 -4.80
CA GLU A 150 10.38 -7.11 -5.78
C GLU A 150 11.55 -6.22 -6.18
N ILE A 151 12.78 -6.74 -6.04
CA ILE A 151 13.98 -5.99 -6.37
C ILE A 151 14.40 -6.33 -7.78
N ASN A 152 14.66 -5.31 -8.59
CA ASN A 152 15.09 -5.55 -9.96
C ASN A 152 16.13 -4.50 -10.38
N PHE A 153 16.81 -4.83 -11.47
CA PHE A 153 17.64 -3.87 -12.22
C PHE A 153 18.80 -3.33 -11.37
N LEU A 154 19.37 -4.18 -10.52
CA LEU A 154 20.63 -3.83 -9.85
C LEU A 154 21.73 -3.74 -10.90
N CYS A 155 22.29 -2.55 -11.06
CA CYS A 155 23.22 -2.28 -12.14
C CYS A 155 24.27 -1.30 -11.66
N VAL A 156 25.54 -1.64 -11.85
CA VAL A 156 26.67 -0.77 -11.54
C VAL A 156 27.48 -0.59 -12.82
N HIS A 157 27.85 0.66 -13.11
CA HIS A 157 28.54 0.97 -14.35
C HIS A 157 29.81 0.15 -14.49
N LYS A 158 30.02 -0.41 -15.70
CA LYS A 158 31.12 -1.36 -15.94
C LYS A 158 32.46 -0.84 -15.43
N LYS A 159 32.68 0.46 -15.48
CA LYS A 159 33.93 1.05 -15.00
C LYS A 159 33.91 1.31 -13.50
N LEU A 160 32.84 0.96 -12.80
CA LEU A 160 32.80 0.99 -11.35
C LEU A 160 32.66 -0.39 -10.75
N ARG A 161 32.61 -1.44 -11.58
CA ARG A 161 32.43 -2.81 -11.11
C ARG A 161 33.51 -3.19 -10.11
N SER A 162 33.18 -4.14 -9.24
CA SER A 162 34.12 -4.73 -8.28
C SER A 162 34.69 -3.70 -7.30
N LYS A 163 34.02 -2.56 -7.12
CA LYS A 163 34.43 -1.55 -6.14
C LYS A 163 33.47 -1.50 -4.95
N ARG A 164 32.77 -2.60 -4.70
CA ARG A 164 31.87 -2.79 -3.56
C ARG A 164 30.69 -1.83 -3.57
N VAL A 165 30.27 -1.34 -4.74
CA VAL A 165 29.10 -0.46 -4.76
C VAL A 165 27.81 -1.25 -4.61
N ALA A 166 27.78 -2.49 -5.11
CA ALA A 166 26.56 -3.29 -5.05
C ALA A 166 26.03 -3.46 -3.63
N PRO A 167 26.83 -3.84 -2.62
CA PRO A 167 26.28 -3.95 -1.27
C PRO A 167 25.69 -2.66 -0.74
N VAL A 168 26.24 -1.51 -1.13
CA VAL A 168 25.71 -0.25 -0.64
C VAL A 168 24.35 0.02 -1.27
N LEU A 169 24.22 -0.25 -2.58
CA LEU A 169 22.91 -0.14 -3.21
C LEU A 169 21.91 -1.06 -2.51
N ILE A 170 22.33 -2.28 -2.14
CA ILE A 170 21.39 -3.19 -1.50
C ILE A 170 20.97 -2.67 -0.13
N ARG A 171 21.93 -2.20 0.67
N ARG A 171 21.93 -2.20 0.67
CA ARG A 171 21.57 -1.69 1.99
CA ARG A 171 21.58 -1.67 1.98
C ARG A 171 20.71 -0.42 1.88
C ARG A 171 20.66 -0.45 1.85
N GLU A 172 20.93 0.42 0.87
CA GLU A 172 20.15 1.65 0.76
C GLU A 172 18.73 1.38 0.28
N ILE A 173 18.55 0.48 -0.68
CA ILE A 173 17.16 0.17 -1.04
C ILE A 173 16.47 -0.55 0.11
N THR A 174 17.20 -1.36 0.89
CA THR A 174 16.61 -2.00 2.06
C THR A 174 16.10 -0.95 3.04
N ARG A 175 16.92 0.07 3.31
CA ARG A 175 16.53 1.16 4.20
C ARG A 175 15.29 1.89 3.70
N ARG A 176 15.28 2.20 2.40
CA ARG A 176 14.17 2.94 1.82
C ARG A 176 12.88 2.12 1.84
N VAL A 177 12.98 0.81 1.69
CA VAL A 177 11.81 -0.06 1.81
C VAL A 177 11.37 -0.17 3.28
N HIS A 178 12.32 -0.25 4.20
CA HIS A 178 11.99 -0.29 5.63
C HIS A 178 11.22 0.95 6.06
N LEU A 179 11.62 2.12 5.56
CA LEU A 179 10.93 3.36 5.91
C LEU A 179 9.44 3.31 5.59
N GLU A 180 9.06 2.49 4.61
CA GLU A 180 7.66 2.36 4.23
C GLU A 180 6.96 1.21 4.93
N GLY A 181 7.61 0.57 5.90
CA GLY A 181 6.97 -0.47 6.69
C GLY A 181 6.98 -1.85 6.08
N ILE A 182 7.86 -2.11 5.12
CA ILE A 182 7.95 -3.41 4.45
C ILE A 182 9.27 -4.06 4.84
N PHE A 183 9.23 -5.35 5.19
CA PHE A 183 10.42 -6.00 5.74
C PHE A 183 10.76 -7.32 5.05
N GLN A 184 10.12 -7.63 3.93
CA GLN A 184 10.46 -8.79 3.13
C GLN A 184 10.61 -8.38 1.67
N ALA A 185 11.43 -9.13 0.92
CA ALA A 185 11.59 -8.91 -0.51
C ALA A 185 11.73 -10.23 -1.24
N VAL A 186 11.44 -10.19 -2.54
CA VAL A 186 11.70 -11.32 -3.43
C VAL A 186 12.61 -10.81 -4.55
N TYR A 187 13.54 -11.65 -4.98
CA TYR A 187 14.47 -11.25 -6.02
C TYR A 187 15.01 -12.50 -6.71
N THR A 188 15.42 -12.34 -7.96
CA THR A 188 16.04 -13.40 -8.74
C THR A 188 17.47 -13.01 -9.10
N ALA A 189 18.28 -14.01 -9.44
CA ALA A 189 19.65 -13.79 -9.90
C ALA A 189 20.13 -15.04 -10.62
N GLY A 190 21.08 -14.84 -11.53
CA GLY A 190 21.73 -15.96 -12.20
C GLY A 190 22.85 -16.59 -11.42
N VAL A 191 23.22 -15.97 -10.30
CA VAL A 191 24.31 -16.41 -9.47
C VAL A 191 23.73 -17.05 -8.21
N VAL A 192 24.49 -17.95 -7.59
CA VAL A 192 24.07 -18.62 -6.37
C VAL A 192 24.52 -17.81 -5.16
N LEU A 193 23.56 -17.43 -4.32
CA LEU A 193 23.80 -16.70 -3.08
C LEU A 193 23.07 -17.41 -1.96
N PRO A 194 23.35 -17.06 -0.70
CA PRO A 194 22.50 -17.57 0.39
C PRO A 194 21.14 -16.88 0.33
N LYS A 195 20.06 -17.64 0.23
CA LYS A 195 19.97 -19.07 -0.10
C LYS A 195 18.75 -19.22 -1.00
N PRO A 196 18.90 -19.93 -2.13
CA PRO A 196 17.78 -20.01 -3.09
C PRO A 196 16.55 -20.68 -2.49
N VAL A 197 15.39 -20.08 -2.72
CA VAL A 197 14.15 -20.75 -2.36
C VAL A 197 13.71 -21.67 -3.48
N GLY A 198 14.21 -21.46 -4.69
CA GLY A 198 13.95 -22.34 -5.81
C GLY A 198 14.89 -22.01 -6.95
N THR A 199 15.15 -23.03 -7.77
CA THR A 199 16.06 -22.88 -8.89
C THR A 199 15.34 -23.29 -10.17
N CYS A 200 15.34 -22.39 -11.15
CA CYS A 200 14.71 -22.62 -12.45
C CYS A 200 15.76 -22.59 -13.54
N ARG A 201 15.42 -23.22 -14.68
CA ARG A 201 16.25 -23.25 -15.88
C ARG A 201 15.53 -22.51 -17.00
N TYR A 202 16.27 -21.76 -17.79
CA TYR A 202 15.68 -21.20 -19.00
C TYR A 202 15.70 -22.23 -20.14
N TRP A 203 14.65 -22.22 -20.94
CA TRP A 203 14.55 -23.02 -22.15
C TRP A 203 14.20 -22.08 -23.30
N HIS A 204 14.64 -22.44 -24.51
CA HIS A 204 14.45 -21.60 -25.68
C HIS A 204 13.77 -22.39 -26.79
N ARG A 205 12.88 -21.73 -27.53
CA ARG A 205 12.17 -22.33 -28.66
C ARG A 205 12.45 -21.49 -29.90
N SER A 206 13.23 -22.04 -30.83
CA SER A 206 13.56 -21.32 -32.06
C SER A 206 12.29 -21.06 -32.87
N LEU A 207 12.16 -19.82 -33.33
CA LEU A 207 11.09 -19.42 -34.23
C LEU A 207 11.60 -19.06 -35.61
N ASN A 208 12.77 -18.42 -35.68
CA ASN A 208 13.43 -18.04 -36.91
C ASN A 208 14.82 -18.64 -36.86
N PRO A 209 14.95 -19.95 -37.16
CA PRO A 209 16.25 -20.62 -36.94
C PRO A 209 17.36 -20.09 -37.81
N ARG A 210 17.07 -19.62 -39.02
CA ARG A 210 18.12 -19.05 -39.87
C ARG A 210 18.81 -17.89 -39.18
N LYS A 211 18.04 -16.98 -38.58
CA LYS A 211 18.63 -15.83 -37.92
C LYS A 211 19.39 -16.24 -36.67
N LEU A 212 18.83 -17.16 -35.88
CA LEU A 212 19.47 -17.56 -34.62
C LEU A 212 20.83 -18.20 -34.85
N ILE A 213 20.94 -19.06 -35.87
CA ILE A 213 22.23 -19.68 -36.14
C ILE A 213 23.19 -18.66 -36.75
N GLU A 214 22.68 -17.73 -37.56
CA GLU A 214 23.54 -16.73 -38.19
C GLU A 214 24.17 -15.80 -37.15
N VAL A 215 23.41 -15.40 -36.13
CA VAL A 215 23.87 -14.42 -35.14
C VAL A 215 24.52 -15.13 -33.96
N LYS A 216 24.75 -16.44 -34.09
CA LYS A 216 25.42 -17.31 -33.13
C LYS A 216 24.59 -17.58 -31.88
N PHE A 217 23.31 -17.20 -31.85
CA PHE A 217 22.48 -17.52 -30.69
C PHE A 217 22.33 -19.03 -30.52
N SER A 218 22.21 -19.76 -31.63
CA SER A 218 22.20 -21.22 -31.61
C SER A 218 23.13 -21.74 -32.70
N HIS A 219 23.34 -23.04 -32.71
CA HIS A 219 24.23 -23.65 -33.68
C HIS A 219 23.54 -24.84 -34.35
N LEU A 220 23.89 -25.05 -35.61
CA LEU A 220 23.40 -26.19 -36.37
C LEU A 220 23.74 -27.49 -35.66
N SER A 221 22.71 -28.26 -35.30
CA SER A 221 22.92 -29.44 -34.48
C SER A 221 23.62 -30.54 -35.30
N ARG A 222 24.03 -31.59 -34.59
CA ARG A 222 24.88 -32.63 -35.15
C ARG A 222 24.21 -33.30 -36.36
N ASN A 223 24.89 -33.24 -37.50
CA ASN A 223 24.44 -33.88 -38.73
C ASN A 223 23.01 -33.47 -39.07
N MET A 224 22.83 -32.17 -39.28
CA MET A 224 21.53 -31.59 -39.58
C MET A 224 21.74 -30.37 -40.46
N THR A 225 21.05 -30.32 -41.59
CA THR A 225 21.18 -29.18 -42.49
C THR A 225 20.34 -28.01 -42.00
N MET A 226 20.62 -26.84 -42.59
CA MET A 226 19.76 -25.69 -42.36
C MET A 226 18.32 -25.98 -42.79
N GLN A 227 18.16 -26.56 -43.98
CA GLN A 227 16.83 -26.87 -44.49
C GLN A 227 16.11 -27.83 -43.55
N ARG A 228 16.83 -28.81 -43.00
CA ARG A 228 16.24 -29.72 -42.03
C ARG A 228 15.81 -29.00 -40.76
N THR A 229 16.57 -27.97 -40.35
CA THR A 229 16.30 -27.30 -39.09
C THR A 229 15.04 -26.45 -39.18
N MET A 230 14.88 -25.71 -40.28
CA MET A 230 13.65 -24.95 -40.49
C MET A 230 12.44 -25.87 -40.50
N LYS A 231 12.56 -27.05 -41.13
CA LYS A 231 11.42 -27.95 -41.18
C LYS A 231 11.04 -28.42 -39.78
N LEU A 232 12.03 -28.71 -38.94
CA LEU A 232 11.74 -29.16 -37.58
C LEU A 232 10.99 -28.11 -36.78
N TYR A 233 11.35 -26.83 -36.97
CA TYR A 233 10.79 -25.75 -36.17
C TYR A 233 9.63 -25.04 -36.85
N ARG A 234 9.21 -25.52 -38.04
CA ARG A 234 8.14 -24.89 -38.78
C ARG A 234 6.85 -24.88 -37.97
N LEU A 235 6.11 -23.79 -38.06
CA LEU A 235 4.89 -23.61 -37.29
C LEU A 235 3.73 -23.28 -38.22
N PRO A 236 2.50 -23.69 -37.85
CA PRO A 236 1.31 -23.23 -38.58
C PRO A 236 1.25 -21.72 -38.69
N GLU A 237 0.52 -21.18 -39.67
CA GLU A 237 0.42 -19.74 -39.82
C GLU A 237 -0.65 -19.11 -38.94
N THR A 238 -1.58 -19.90 -38.41
CA THR A 238 -2.62 -19.36 -37.56
C THR A 238 -2.85 -20.31 -36.39
N PRO A 239 -3.29 -19.80 -35.25
CA PRO A 239 -3.54 -20.66 -34.08
C PRO A 239 -4.71 -21.60 -34.32
N LYS A 240 -4.70 -22.71 -33.60
CA LYS A 240 -5.76 -23.71 -33.72
C LYS A 240 -6.86 -23.58 -32.67
N THR A 241 -6.61 -22.93 -31.53
CA THR A 241 -7.62 -22.93 -30.48
C THR A 241 -8.80 -22.06 -30.85
N ALA A 242 -9.99 -22.63 -30.75
CA ALA A 242 -11.22 -21.92 -31.03
C ALA A 242 -11.43 -20.77 -30.05
N GLY A 243 -11.68 -19.58 -30.58
CA GLY A 243 -12.07 -18.44 -29.77
C GLY A 243 -10.94 -17.57 -29.28
N LEU A 244 -9.71 -17.78 -29.76
CA LEU A 244 -8.57 -17.03 -29.27
C LEU A 244 -8.59 -15.62 -29.84
N ARG A 245 -8.33 -14.62 -28.99
CA ARG A 245 -8.35 -13.23 -29.41
C ARG A 245 -7.55 -12.41 -28.39
N PRO A 246 -7.11 -11.22 -28.77
CA PRO A 246 -6.42 -10.36 -27.79
C PRO A 246 -7.29 -10.05 -26.59
N MET A 247 -6.65 -9.97 -25.42
CA MET A 247 -7.31 -9.47 -24.22
C MET A 247 -7.80 -8.05 -24.42
N GLU A 248 -9.01 -7.77 -23.94
CA GLU A 248 -9.62 -6.43 -23.96
C GLU A 248 -9.95 -6.00 -22.53
N THR A 249 -10.32 -4.71 -22.40
CA THR A 249 -10.72 -4.15 -21.10
C THR A 249 -11.81 -4.98 -20.44
N LYS A 250 -12.77 -5.47 -21.20
CA LYS A 250 -13.86 -6.24 -20.59
C LYS A 250 -13.37 -7.54 -19.99
N ASP A 251 -12.19 -8.01 -20.37
CA ASP A 251 -11.64 -9.27 -19.89
C ASP A 251 -10.87 -9.13 -18.58
N ILE A 252 -10.61 -7.90 -18.14
CA ILE A 252 -9.79 -7.72 -16.93
C ILE A 252 -10.33 -8.52 -15.74
N PRO A 253 -11.61 -8.44 -15.39
CA PRO A 253 -12.07 -9.20 -14.21
C PRO A 253 -11.93 -10.71 -14.35
N VAL A 254 -12.29 -11.26 -15.52
CA VAL A 254 -12.21 -12.72 -15.63
C VAL A 254 -10.76 -13.19 -15.68
N VAL A 255 -9.86 -12.42 -16.32
CA VAL A 255 -8.44 -12.77 -16.28
C VAL A 255 -7.93 -12.76 -14.84
N HIS A 256 -8.37 -11.77 -14.06
CA HIS A 256 -8.01 -11.72 -12.65
C HIS A 256 -8.54 -12.94 -11.91
N GLN A 257 -9.79 -13.32 -12.19
CA GLN A 257 -10.37 -14.51 -11.56
C GLN A 257 -9.64 -15.78 -11.97
N LEU A 258 -9.41 -15.96 -13.28
CA LEU A 258 -8.70 -17.13 -13.77
C LEU A 258 -7.31 -17.26 -13.14
N LEU A 259 -6.58 -16.15 -13.07
CA LEU A 259 -5.20 -16.19 -12.55
C LEU A 259 -5.17 -16.55 -11.07
N THR A 260 -6.01 -15.90 -10.26
CA THR A 260 -6.02 -16.12 -8.83
C THR A 260 -6.28 -17.57 -8.48
N ARG A 261 -7.29 -18.19 -9.12
CA ARG A 261 -7.61 -19.58 -8.82
C ARG A 261 -6.51 -20.52 -9.29
N TYR A 262 -5.91 -20.21 -10.44
CA TYR A 262 -4.87 -21.07 -11.00
C TYR A 262 -3.60 -21.04 -10.16
N LEU A 263 -3.26 -19.88 -9.60
CA LEU A 263 -1.99 -19.77 -8.89
C LEU A 263 -2.01 -20.45 -7.53
N LYS A 264 -3.18 -20.84 -7.03
CA LYS A 264 -3.27 -21.43 -5.69
C LYS A 264 -2.53 -22.77 -5.59
N GLN A 265 -2.32 -23.46 -6.71
CA GLN A 265 -1.63 -24.75 -6.66
C GLN A 265 -0.12 -24.64 -6.45
N PHE A 266 0.46 -23.44 -6.55
CA PHE A 266 1.90 -23.30 -6.40
C PHE A 266 2.24 -22.72 -5.02
N HIS A 267 3.53 -22.72 -4.68
CA HIS A 267 3.92 -22.31 -3.34
C HIS A 267 4.53 -20.92 -3.27
N LEU A 268 4.89 -20.29 -4.39
CA LEU A 268 5.39 -18.92 -4.40
C LEU A 268 4.73 -18.19 -5.56
N THR A 269 3.83 -17.27 -5.26
CA THR A 269 3.02 -16.63 -6.29
C THR A 269 2.77 -15.17 -5.92
N PRO A 270 2.48 -14.33 -6.91
CA PRO A 270 1.94 -13.01 -6.59
C PRO A 270 0.46 -13.08 -6.27
N VAL A 271 -0.01 -12.13 -5.47
CA VAL A 271 -1.43 -11.96 -5.21
C VAL A 271 -1.81 -10.62 -5.82
N MET A 272 -2.44 -10.64 -6.99
CA MET A 272 -2.67 -9.41 -7.74
C MET A 272 -4.06 -8.85 -7.47
N SER A 273 -4.13 -7.53 -7.28
CA SER A 273 -5.42 -6.85 -7.33
C SER A 273 -5.91 -6.79 -8.79
N GLN A 274 -7.17 -6.40 -8.96
CA GLN A 274 -7.66 -6.23 -10.33
C GLN A 274 -6.94 -5.10 -11.06
N GLU A 275 -6.54 -4.03 -10.36
CA GLU A 275 -5.74 -2.98 -10.99
C GLU A 275 -4.36 -3.50 -11.39
N GLU A 276 -3.75 -4.36 -10.57
CA GLU A 276 -2.47 -4.95 -10.93
C GLU A 276 -2.61 -5.88 -12.13
N VAL A 277 -3.71 -6.63 -12.19
CA VAL A 277 -3.93 -7.46 -13.38
C VAL A 277 -4.01 -6.60 -14.63
N GLU A 278 -4.71 -5.47 -14.55
CA GLU A 278 -4.77 -4.57 -15.69
C GLU A 278 -3.39 -4.12 -16.12
N HIS A 279 -2.56 -3.69 -15.17
CA HIS A 279 -1.22 -3.21 -15.51
C HIS A 279 -0.38 -4.31 -16.14
N TRP A 280 -0.36 -5.50 -15.54
CA TRP A 280 0.59 -6.51 -15.98
C TRP A 280 0.14 -7.21 -17.26
N PHE A 281 -1.16 -7.26 -17.54
CA PHE A 281 -1.63 -8.08 -18.65
C PHE A 281 -2.26 -7.31 -19.82
N TYR A 282 -2.78 -6.11 -19.60
CA TYR A 282 -3.47 -5.43 -20.70
C TYR A 282 -2.46 -5.15 -21.83
N PRO A 283 -2.74 -5.59 -23.06
CA PRO A 283 -1.69 -5.59 -24.09
C PRO A 283 -1.13 -4.21 -24.40
N GLN A 284 0.19 -4.15 -24.54
CA GLN A 284 0.89 -2.97 -25.01
C GLN A 284 1.86 -3.43 -26.08
N GLU A 285 1.72 -2.90 -27.29
CA GLU A 285 2.55 -3.35 -28.41
C GLU A 285 4.03 -3.20 -28.06
N ASN A 286 4.78 -4.28 -28.32
CA ASN A 286 6.23 -4.37 -28.08
C ASN A 286 6.59 -4.42 -26.61
N ILE A 287 5.62 -4.72 -25.74
CA ILE A 287 5.89 -4.85 -24.31
C ILE A 287 5.26 -6.13 -23.77
N ILE A 288 3.93 -6.19 -23.81
CA ILE A 288 3.20 -7.31 -23.22
C ILE A 288 2.07 -7.70 -24.17
N ASP A 289 1.92 -9.00 -24.41
CA ASP A 289 0.82 -9.55 -25.20
C ASP A 289 0.03 -10.50 -24.33
N THR A 290 -1.29 -10.37 -24.38
CA THR A 290 -2.15 -11.31 -23.69
C THR A 290 -3.27 -11.67 -24.64
N PHE A 291 -3.51 -12.97 -24.81
CA PHE A 291 -4.63 -13.48 -25.60
C PHE A 291 -5.51 -14.35 -24.71
N VAL A 292 -6.82 -14.19 -24.84
CA VAL A 292 -7.78 -14.98 -24.08
C VAL A 292 -8.49 -15.94 -25.02
N VAL A 293 -8.98 -17.04 -24.46
CA VAL A 293 -9.84 -17.96 -25.19
C VAL A 293 -11.29 -17.70 -24.76
N GLU A 294 -12.10 -17.19 -25.68
CA GLU A 294 -13.53 -16.99 -25.45
C GLU A 294 -14.30 -18.08 -26.21
N ASN A 295 -15.01 -18.95 -25.49
CA ASN A 295 -15.55 -20.16 -26.08
C ASN A 295 -16.89 -19.88 -26.77
N ALA A 296 -17.53 -20.94 -27.28
CA ALA A 296 -18.78 -20.82 -28.02
C ALA A 296 -19.93 -20.30 -27.17
N ASN A 297 -19.79 -20.37 -25.84
CA ASN A 297 -20.75 -19.84 -24.90
C ASN A 297 -20.45 -18.40 -24.51
N GLY A 298 -19.41 -17.79 -25.07
CA GLY A 298 -18.98 -16.47 -24.66
C GLY A 298 -18.16 -16.39 -23.38
N GLU A 299 -17.81 -17.54 -22.80
CA GLU A 299 -17.05 -17.59 -21.56
C GLU A 299 -15.54 -17.59 -21.86
N VAL A 300 -14.81 -16.74 -21.16
CA VAL A 300 -13.34 -16.76 -21.22
C VAL A 300 -12.83 -17.83 -20.25
N THR A 301 -12.13 -18.82 -20.79
CA THR A 301 -11.76 -20.01 -20.05
C THR A 301 -10.27 -20.19 -19.87
N ASP A 302 -9.43 -19.47 -20.63
CA ASP A 302 -7.99 -19.67 -20.63
C ASP A 302 -7.35 -18.36 -21.09
N PHE A 303 -6.06 -18.21 -20.79
CA PHE A 303 -5.32 -17.13 -21.44
C PHE A 303 -3.83 -17.44 -21.43
N LEU A 304 -3.14 -16.83 -22.37
CA LEU A 304 -1.70 -16.93 -22.50
C LEU A 304 -1.15 -15.53 -22.59
N SER A 305 0.11 -15.37 -22.17
CA SER A 305 0.75 -14.06 -22.20
C SER A 305 2.26 -14.25 -22.31
N PHE A 306 2.88 -13.31 -23.00
CA PHE A 306 4.34 -13.26 -23.08
C PHE A 306 4.75 -11.79 -23.21
N TYR A 307 5.90 -11.44 -22.64
CA TYR A 307 6.41 -10.09 -22.81
C TYR A 307 7.57 -10.05 -23.80
N THR A 308 7.89 -8.83 -24.22
CA THR A 308 8.86 -8.55 -25.27
C THR A 308 10.14 -8.00 -24.67
N LEU A 309 11.26 -8.65 -24.96
CA LEU A 309 12.56 -8.18 -24.46
C LEU A 309 13.62 -8.50 -25.50
N PRO A 310 13.89 -7.57 -26.42
CA PRO A 310 14.91 -7.82 -27.44
C PRO A 310 16.30 -7.72 -26.85
N SER A 311 17.27 -8.26 -27.57
CA SER A 311 18.66 -8.19 -27.16
C SER A 311 19.50 -7.59 -28.27
N THR A 312 20.41 -6.71 -27.90
CA THR A 312 21.35 -6.17 -28.87
C THR A 312 22.45 -7.19 -29.12
N ILE A 313 22.78 -7.38 -30.39
CA ILE A 313 23.82 -8.34 -30.76
C ILE A 313 25.17 -7.68 -30.56
N MET A 314 25.75 -7.84 -29.38
CA MET A 314 26.94 -7.12 -28.94
C MET A 314 28.12 -7.30 -29.89
N LYS A 320 21.95 -5.78 -36.05
CA LYS A 320 20.53 -6.06 -35.87
C LYS A 320 20.18 -6.20 -34.39
N SER A 321 19.04 -6.82 -34.12
CA SER A 321 18.57 -7.06 -32.76
C SER A 321 17.87 -8.41 -32.70
N LEU A 322 18.03 -9.09 -31.57
CA LEU A 322 17.41 -10.39 -31.35
C LEU A 322 16.06 -10.19 -30.67
N LYS A 323 14.96 -10.47 -31.37
CA LYS A 323 13.62 -10.21 -30.84
C LYS A 323 13.13 -11.45 -30.09
N ALA A 324 13.03 -11.35 -28.77
CA ALA A 324 12.71 -12.49 -27.93
C ALA A 324 11.39 -12.27 -27.19
N ALA A 325 10.56 -13.31 -27.16
CA ALA A 325 9.39 -13.34 -26.32
C ALA A 325 9.69 -14.15 -25.06
N TYR A 326 9.20 -13.68 -23.92
CA TYR A 326 9.33 -14.42 -22.66
C TYR A 326 7.94 -14.83 -22.18
N SER A 327 7.76 -16.13 -21.98
CA SER A 327 6.52 -16.64 -21.40
C SER A 327 6.27 -15.97 -20.06
N PHE A 328 5.02 -15.54 -19.83
CA PHE A 328 4.68 -14.77 -18.63
C PHE A 328 3.78 -15.64 -17.77
N TYR A 329 2.45 -15.44 -17.77
CA TYR A 329 1.54 -16.32 -17.06
C TYR A 329 0.58 -16.97 -18.06
N ASN A 330 0.44 -18.29 -17.99
CA ASN A 330 -0.48 -19.01 -18.87
C ASN A 330 -1.42 -19.84 -18.01
N VAL A 331 -2.73 -19.61 -18.17
CA VAL A 331 -3.75 -20.21 -17.33
C VAL A 331 -4.69 -21.01 -18.23
N HIS A 332 -4.92 -22.27 -17.88
CA HIS A 332 -5.79 -23.16 -18.65
C HIS A 332 -6.83 -23.76 -17.71
N THR A 333 -8.09 -23.76 -18.14
CA THR A 333 -9.13 -24.49 -17.43
C THR A 333 -9.94 -25.35 -18.41
N GLN A 334 -9.97 -25.01 -19.69
N GLN A 334 -9.97 -24.94 -19.68
CA GLN A 334 -10.66 -25.85 -20.68
CA GLN A 334 -10.69 -25.63 -20.74
C GLN A 334 -9.83 -26.16 -21.92
C GLN A 334 -9.76 -26.16 -21.82
N THR A 335 -8.85 -25.33 -22.28
CA THR A 335 -7.93 -25.69 -23.35
C THR A 335 -6.73 -26.39 -22.75
N PRO A 336 -6.27 -27.51 -23.33
CA PRO A 336 -5.05 -28.14 -22.83
C PRO A 336 -3.89 -27.16 -22.87
N LEU A 337 -3.10 -27.16 -21.79
CA LEU A 337 -1.93 -26.27 -21.73
C LEU A 337 -1.04 -26.46 -22.95
N LEU A 338 -0.87 -27.71 -23.38
CA LEU A 338 -0.06 -28.00 -24.57
C LEU A 338 -0.55 -27.21 -25.78
N ASP A 339 -1.87 -27.22 -25.99
CA ASP A 339 -2.46 -26.48 -27.13
C ASP A 339 -2.30 -24.98 -26.95
N LEU A 340 -2.52 -24.48 -25.74
CA LEU A 340 -2.38 -23.07 -25.47
C LEU A 340 -0.97 -22.58 -25.79
N MET A 341 0.04 -23.36 -25.40
CA MET A 341 1.39 -22.90 -25.66
C MET A 341 1.76 -23.06 -27.13
N SER A 342 1.19 -24.05 -27.84
CA SER A 342 1.44 -24.10 -29.27
C SER A 342 0.97 -22.82 -29.94
N ASP A 343 -0.21 -22.33 -29.55
CA ASP A 343 -0.72 -21.11 -30.13
C ASP A 343 0.10 -19.90 -29.71
N ALA A 344 0.60 -19.88 -28.46
CA ALA A 344 1.55 -18.83 -28.08
C ALA A 344 2.73 -18.78 -29.03
N LEU A 345 3.33 -19.94 -29.36
CA LEU A 345 4.44 -19.95 -30.30
C LEU A 345 4.01 -19.44 -31.66
N VAL A 346 2.84 -19.87 -32.14
CA VAL A 346 2.35 -19.41 -33.44
C VAL A 346 2.19 -17.89 -33.43
N LEU A 347 1.58 -17.35 -32.36
CA LEU A 347 1.38 -15.90 -32.28
C LEU A 347 2.70 -15.14 -32.24
N ALA A 348 3.67 -15.62 -31.47
CA ALA A 348 4.95 -14.94 -31.41
C ALA A 348 5.63 -14.96 -32.77
N LYS A 349 5.55 -16.10 -33.46
CA LYS A 349 6.08 -16.18 -34.82
C LYS A 349 5.41 -15.15 -35.72
N MET A 350 4.07 -15.09 -35.68
CA MET A 350 3.34 -14.11 -36.48
C MET A 350 3.79 -12.69 -36.19
N LYS A 351 4.05 -12.38 -34.92
CA LYS A 351 4.45 -11.04 -34.51
C LYS A 351 5.92 -10.76 -34.77
N GLY A 352 6.65 -11.69 -35.37
CA GLY A 352 8.03 -11.44 -35.77
C GLY A 352 9.08 -11.71 -34.73
N PHE A 353 8.79 -12.50 -33.70
CA PHE A 353 9.82 -12.88 -32.73
C PHE A 353 10.74 -13.94 -33.31
N ASP A 354 12.01 -13.90 -32.90
CA ASP A 354 12.97 -14.89 -33.36
C ASP A 354 13.07 -16.10 -32.45
N VAL A 355 12.72 -15.94 -31.17
CA VAL A 355 12.86 -17.01 -30.21
C VAL A 355 11.83 -16.77 -29.12
N PHE A 356 11.34 -17.85 -28.52
CA PHE A 356 10.36 -17.83 -27.46
C PHE A 356 11.00 -18.53 -26.26
N ASN A 357 11.11 -17.80 -25.15
CA ASN A 357 11.81 -18.26 -23.95
C ASN A 357 10.81 -18.57 -22.84
N ALA A 358 11.07 -19.65 -22.10
CA ALA A 358 10.24 -20.01 -20.97
C ALA A 358 11.11 -20.69 -19.93
N LEU A 359 10.72 -20.53 -18.67
CA LEU A 359 11.33 -21.22 -17.54
C LEU A 359 10.65 -22.56 -17.32
N ASP A 360 11.29 -23.43 -16.54
CA ASP A 360 10.71 -24.71 -16.19
C ASP A 360 9.83 -24.64 -14.94
N LEU A 361 9.33 -23.46 -14.59
CA LEU A 361 8.49 -23.33 -13.41
C LEU A 361 7.02 -23.61 -13.76
N MET A 362 6.16 -23.50 -12.74
CA MET A 362 4.71 -23.82 -12.82
C MET A 362 4.57 -25.18 -13.49
N GLU A 363 3.72 -25.34 -14.51
CA GLU A 363 3.58 -26.63 -15.16
C GLU A 363 4.35 -26.72 -16.47
N ASN A 364 5.36 -25.86 -16.66
CA ASN A 364 5.94 -25.70 -17.99
C ASN A 364 6.69 -26.96 -18.45
N LYS A 365 7.21 -27.77 -17.52
CA LYS A 365 7.91 -28.98 -17.93
C LYS A 365 7.00 -29.95 -18.67
N THR A 366 5.68 -29.82 -18.52
CA THR A 366 4.75 -30.69 -19.24
C THR A 366 4.70 -30.38 -20.74
N PHE A 367 5.22 -29.23 -21.19
CA PHE A 367 5.20 -28.91 -22.62
C PHE A 367 6.55 -28.54 -23.24
N LEU A 368 7.60 -28.31 -22.45
CA LEU A 368 8.84 -27.79 -23.00
C LEU A 368 9.44 -28.71 -24.06
N GLU A 369 9.67 -29.99 -23.71
CA GLU A 369 10.25 -30.90 -24.70
C GLU A 369 9.28 -31.20 -25.83
N LYS A 370 8.00 -31.47 -25.51
CA LYS A 370 7.02 -31.75 -26.55
C LYS A 370 7.01 -30.66 -27.63
N LEU A 371 7.09 -29.41 -27.22
CA LEU A 371 7.02 -28.29 -28.16
C LEU A 371 8.39 -27.88 -28.69
N LYS A 372 9.41 -28.74 -28.50
CA LYS A 372 10.73 -28.59 -29.12
C LYS A 372 11.51 -27.41 -28.57
N PHE A 373 11.25 -27.04 -27.30
CA PHE A 373 12.17 -26.17 -26.59
C PHE A 373 13.49 -26.89 -26.34
N GLY A 374 14.57 -26.13 -26.34
CA GLY A 374 15.88 -26.64 -25.99
C GLY A 374 16.38 -25.97 -24.72
N ILE A 375 17.03 -26.74 -23.86
CA ILE A 375 17.43 -26.20 -22.56
C ILE A 375 18.59 -25.21 -22.75
N GLY A 376 18.61 -24.16 -21.92
CA GLY A 376 19.66 -23.18 -21.95
C GLY A 376 20.74 -23.50 -20.93
N ASP A 377 21.76 -22.64 -20.90
CA ASP A 377 22.92 -22.89 -20.05
C ASP A 377 22.86 -22.15 -18.72
N GLY A 378 21.85 -21.31 -18.48
CA GLY A 378 21.78 -20.55 -17.26
C GLY A 378 20.85 -21.13 -16.21
N ASN A 379 21.06 -20.70 -14.96
CA ASN A 379 20.11 -20.89 -13.87
C ASN A 379 19.47 -19.56 -13.53
N LEU A 380 18.17 -19.60 -13.18
CA LEU A 380 17.50 -18.46 -12.55
C LEU A 380 17.15 -18.88 -11.12
N GLN A 381 17.87 -18.32 -10.16
CA GLN A 381 17.66 -18.58 -8.74
C GLN A 381 16.68 -17.56 -8.17
N TYR A 382 15.72 -18.05 -7.38
CA TYR A 382 14.75 -17.22 -6.68
C TYR A 382 15.13 -17.12 -5.21
N TYR A 383 14.93 -15.93 -4.63
CA TYR A 383 15.35 -15.65 -3.26
C TYR A 383 14.28 -14.85 -2.54
N LEU A 384 14.17 -15.09 -1.24
CA LEU A 384 13.40 -14.24 -0.35
C LEU A 384 14.36 -13.59 0.63
N TYR A 385 14.10 -12.32 0.96
CA TYR A 385 14.89 -11.59 1.92
C TYR A 385 14.10 -11.52 3.22
N ASN A 386 14.75 -11.92 4.32
CA ASN A 386 14.15 -11.91 5.66
C ASN A 386 12.91 -12.81 5.74
N TRP A 387 12.96 -13.94 5.05
CA TRP A 387 11.91 -14.94 5.17
C TRP A 387 12.55 -16.31 5.03
N LYS A 388 12.49 -17.09 6.09
CA LYS A 388 13.12 -18.39 6.15
C LYS A 388 12.03 -19.44 5.95
N CYS A 389 12.14 -20.22 4.89
CA CYS A 389 11.15 -21.24 4.57
C CYS A 389 11.84 -22.37 3.83
N PRO A 390 11.20 -23.53 3.71
CA PRO A 390 11.79 -24.61 2.91
C PRO A 390 11.88 -24.24 1.45
N SER A 391 12.98 -24.66 0.81
CA SER A 391 13.10 -24.55 -0.63
C SER A 391 12.04 -25.40 -1.33
N MET A 392 11.81 -25.11 -2.61
CA MET A 392 10.80 -25.81 -3.38
C MET A 392 11.33 -26.12 -4.77
N GLY A 393 10.80 -27.17 -5.38
CA GLY A 393 11.13 -27.48 -6.76
C GLY A 393 10.57 -26.45 -7.72
N ALA A 394 11.16 -26.39 -8.91
CA ALA A 394 10.77 -25.35 -9.87
C ALA A 394 9.29 -25.40 -10.19
N GLU A 395 8.69 -26.60 -10.20
CA GLU A 395 7.30 -26.71 -10.60
C GLU A 395 6.35 -26.14 -9.55
N LYS A 396 6.84 -25.76 -8.37
CA LYS A 396 6.00 -25.10 -7.39
C LYS A 396 6.20 -23.59 -7.36
N VAL A 397 7.17 -23.08 -8.10
CA VAL A 397 7.36 -21.64 -8.26
C VAL A 397 6.33 -21.12 -9.26
N GLY A 398 5.52 -20.15 -8.83
CA GLY A 398 4.46 -19.59 -9.65
C GLY A 398 4.57 -18.08 -9.74
N LEU A 399 5.80 -17.59 -9.91
CA LEU A 399 6.09 -16.17 -9.90
C LEU A 399 7.08 -15.87 -11.01
N VAL A 400 6.72 -14.96 -11.92
CA VAL A 400 7.58 -14.57 -13.04
C VAL A 400 7.94 -13.09 -12.90
N LEU A 401 9.24 -12.80 -12.89
CA LEU A 401 9.75 -11.44 -12.80
C LEU A 401 10.41 -11.03 -14.12
N GLN A 402 10.41 -9.73 -14.39
CA GLN A 402 10.91 -9.19 -15.67
C GLN A 402 12.40 -8.88 -15.64
N PRO B 11 -31.73 8.35 12.21
CA PRO B 11 -30.55 7.67 12.75
C PRO B 11 -30.63 7.44 14.26
N ALA B 12 -30.19 6.27 14.72
CA ALA B 12 -30.26 5.93 16.13
C ALA B 12 -28.96 6.33 16.83
N LYS B 13 -29.08 7.02 17.96
CA LYS B 13 -27.92 7.44 18.73
C LYS B 13 -27.56 6.47 19.84
N THR B 14 -28.50 5.67 20.33
CA THR B 14 -28.22 4.67 21.36
C THR B 14 -28.54 3.29 20.81
N MET B 15 -27.89 2.29 21.42
CA MET B 15 -28.03 0.91 20.94
C MET B 15 -29.44 0.38 21.15
N GLU B 16 -30.15 0.90 22.14
CA GLU B 16 -31.52 0.48 22.37
C GLU B 16 -32.45 1.00 21.27
N GLU B 17 -32.29 2.28 20.90
CA GLU B 17 -33.03 2.84 19.76
C GLU B 17 -32.75 2.05 18.48
N ALA B 18 -31.50 1.66 18.26
CA ALA B 18 -31.13 0.97 17.04
C ALA B 18 -31.76 -0.42 16.97
N SER B 19 -32.05 -1.02 18.12
CA SER B 19 -32.73 -2.31 18.15
C SER B 19 -34.08 -2.26 17.44
N LYS B 20 -34.73 -1.09 17.45
CA LYS B 20 -36.03 -0.93 16.82
C LYS B 20 -35.93 -0.68 15.32
N ARG B 21 -34.84 -0.07 14.86
CA ARG B 21 -34.73 0.32 13.46
C ARG B 21 -34.49 -0.89 12.56
N SER B 22 -34.90 -0.76 11.30
CA SER B 22 -34.55 -1.70 10.24
C SER B 22 -33.51 -1.05 9.34
N TYR B 23 -32.53 -1.82 8.90
CA TYR B 23 -31.40 -1.30 8.16
C TYR B 23 -31.46 -1.83 6.73
N GLN B 24 -32.25 -1.13 5.90
CA GLN B 24 -32.43 -1.54 4.50
C GLN B 24 -31.10 -1.74 3.80
N PHE B 25 -30.17 -0.80 4.00
CA PHE B 25 -28.89 -0.87 3.33
C PHE B 25 -27.90 -1.77 4.08
N TRP B 26 -27.72 -1.53 5.38
CA TRP B 26 -26.67 -2.27 6.09
C TRP B 26 -26.94 -3.76 6.19
N ASP B 27 -28.22 -4.18 6.13
CA ASP B 27 -28.51 -5.61 6.05
C ASP B 27 -27.93 -6.25 4.80
N THR B 28 -27.74 -5.49 3.73
CA THR B 28 -27.15 -6.07 2.53
C THR B 28 -25.63 -6.17 2.59
N GLN B 29 -25.01 -5.60 3.60
CA GLN B 29 -23.56 -5.44 3.63
C GLN B 29 -22.89 -6.53 4.49
N PRO B 30 -21.62 -6.83 4.24
CA PRO B 30 -20.96 -7.88 5.05
C PRO B 30 -20.49 -7.34 6.40
N VAL B 31 -21.47 -7.06 7.27
CA VAL B 31 -21.22 -6.67 8.66
C VAL B 31 -22.15 -7.50 9.55
N PRO B 32 -21.75 -7.77 10.79
CA PRO B 32 -22.62 -8.55 11.68
C PRO B 32 -23.90 -7.81 11.99
N LYS B 33 -24.95 -8.57 12.29
CA LYS B 33 -26.22 -7.96 12.66
C LYS B 33 -26.11 -7.33 14.05
N LEU B 34 -26.86 -6.24 14.25
CA LEU B 34 -26.90 -5.59 15.56
C LEU B 34 -27.24 -6.57 16.68
N GLY B 35 -28.21 -7.46 16.44
CA GLY B 35 -28.61 -8.40 17.46
C GLY B 35 -27.56 -9.47 17.73
N GLU B 36 -26.79 -9.84 16.71
CA GLU B 36 -25.76 -10.86 16.84
C GLU B 36 -24.80 -10.53 17.97
N VAL B 37 -24.24 -11.58 18.59
CA VAL B 37 -23.03 -11.47 19.39
C VAL B 37 -21.99 -12.38 18.74
N VAL B 38 -20.77 -11.87 18.59
CA VAL B 38 -19.76 -12.47 17.73
C VAL B 38 -18.82 -13.31 18.57
N ASN B 39 -18.62 -14.56 18.14
CA ASN B 39 -17.75 -15.50 18.84
C ASN B 39 -16.48 -15.84 18.05
N THR B 40 -16.43 -15.49 16.77
CA THR B 40 -15.32 -15.84 15.90
C THR B 40 -14.45 -14.63 15.60
N HIS B 41 -13.34 -14.88 14.91
CA HIS B 41 -12.46 -13.84 14.37
C HIS B 41 -12.21 -14.16 12.91
N GLY B 42 -12.62 -13.27 12.01
CA GLY B 42 -12.34 -13.46 10.61
C GLY B 42 -13.23 -12.65 9.68
N PRO B 43 -13.04 -12.82 8.37
CA PRO B 43 -13.85 -12.08 7.40
C PRO B 43 -15.30 -12.51 7.45
N VAL B 44 -16.20 -11.58 7.16
CA VAL B 44 -17.60 -11.94 7.00
C VAL B 44 -17.80 -12.70 5.71
N GLU B 45 -17.08 -12.35 4.67
CA GLU B 45 -17.21 -13.00 3.36
C GLU B 45 -15.83 -13.08 2.73
N PRO B 46 -15.60 -14.07 1.87
CA PRO B 46 -14.28 -14.19 1.23
C PRO B 46 -14.03 -13.00 0.30
N ASP B 47 -12.74 -12.77 0.05
CA ASP B 47 -12.36 -11.79 -0.96
C ASP B 47 -12.98 -12.14 -2.30
N LYS B 48 -13.37 -11.10 -3.04
CA LYS B 48 -13.94 -11.26 -4.37
C LYS B 48 -12.81 -11.32 -5.38
N ASP B 49 -12.89 -12.25 -6.33
CA ASP B 49 -11.84 -12.34 -7.33
C ASP B 49 -12.25 -11.78 -8.69
N ASN B 50 -13.42 -11.14 -8.77
CA ASN B 50 -13.74 -10.27 -9.90
C ASN B 50 -14.56 -9.12 -9.37
N ILE B 51 -14.22 -7.91 -9.80
CA ILE B 51 -14.81 -6.67 -9.27
C ILE B 51 -15.54 -5.97 -10.40
N ARG B 52 -16.74 -5.48 -10.11
CA ARG B 52 -17.51 -4.64 -11.01
C ARG B 52 -16.66 -3.51 -11.57
N GLN B 53 -16.59 -3.41 -12.90
CA GLN B 53 -15.71 -2.43 -13.52
C GLN B 53 -16.31 -1.05 -13.67
N GLU B 54 -17.63 -0.94 -13.66
CA GLU B 54 -18.34 0.30 -13.92
C GLU B 54 -18.78 0.96 -12.62
N PRO B 55 -18.67 2.28 -12.54
CA PRO B 55 -19.22 3.01 -11.39
C PRO B 55 -20.71 2.77 -11.24
N TYR B 56 -21.16 2.73 -9.99
CA TYR B 56 -22.59 2.63 -9.72
C TYR B 56 -23.35 3.84 -10.29
N THR B 57 -24.60 3.61 -10.67
N THR B 57 -24.61 3.61 -10.65
CA THR B 57 -25.40 4.68 -11.26
CA THR B 57 -25.43 4.67 -11.22
C THR B 57 -25.89 5.65 -10.20
C THR B 57 -25.88 5.67 -10.16
N LEU B 58 -25.71 6.95 -10.48
CA LEU B 58 -26.28 8.02 -9.67
C LEU B 58 -27.62 8.45 -10.26
N PRO B 59 -28.47 9.10 -9.47
CA PRO B 59 -29.69 9.70 -10.03
C PRO B 59 -29.37 10.67 -11.15
N GLN B 60 -30.33 10.86 -12.05
CA GLN B 60 -30.11 11.70 -13.22
C GLN B 60 -29.73 13.11 -12.78
N GLY B 61 -28.81 13.72 -13.53
CA GLY B 61 -28.34 15.05 -13.22
C GLY B 61 -27.13 15.13 -12.31
N PHE B 62 -26.57 13.99 -11.90
CA PHE B 62 -25.40 13.95 -11.02
C PHE B 62 -24.34 13.04 -11.62
N THR B 63 -23.08 13.34 -11.34
CA THR B 63 -21.97 12.59 -11.91
C THR B 63 -20.86 12.43 -10.88
N TRP B 64 -20.14 11.30 -10.98
CA TRP B 64 -18.93 11.10 -10.20
C TRP B 64 -17.85 12.06 -10.66
N ASP B 65 -17.01 12.48 -9.70
CA ASP B 65 -15.82 13.24 -10.06
C ASP B 65 -14.77 13.02 -8.97
N ALA B 66 -13.61 12.48 -9.35
CA ALA B 66 -12.52 12.32 -8.41
C ALA B 66 -11.87 13.68 -8.17
N LEU B 67 -11.65 14.03 -6.90
CA LEU B 67 -11.22 15.38 -6.57
C LEU B 67 -9.70 15.42 -6.45
N ASP B 68 -9.07 16.24 -7.28
CA ASP B 68 -7.63 16.49 -7.19
C ASP B 68 -7.42 17.55 -6.12
N LEU B 69 -7.09 17.12 -4.90
CA LEU B 69 -6.91 18.06 -3.81
C LEU B 69 -5.63 18.86 -3.95
N GLY B 70 -4.76 18.49 -4.90
CA GLY B 70 -3.62 19.33 -5.25
C GLY B 70 -4.00 20.55 -6.05
N ASP B 71 -5.23 20.61 -6.54
CA ASP B 71 -5.77 21.81 -7.18
C ASP B 71 -6.41 22.66 -6.10
N ARG B 72 -5.87 23.87 -5.88
CA ARG B 72 -6.35 24.71 -4.79
C ARG B 72 -7.82 25.05 -4.93
N GLY B 73 -8.31 25.21 -6.15
CA GLY B 73 -9.73 25.49 -6.34
C GLY B 73 -10.61 24.31 -5.96
N VAL B 74 -10.19 23.10 -6.33
CA VAL B 74 -10.96 21.90 -5.97
C VAL B 74 -10.91 21.67 -4.46
N LEU B 75 -9.73 21.82 -3.85
CA LEU B 75 -9.65 21.70 -2.39
C LEU B 75 -10.61 22.67 -1.71
N LYS B 76 -10.73 23.89 -2.24
CA LYS B 76 -11.61 24.86 -1.61
C LYS B 76 -13.08 24.50 -1.80
N GLU B 77 -13.44 23.88 -2.94
CA GLU B 77 -14.79 23.35 -3.10
C GLU B 77 -15.11 22.30 -2.05
N LEU B 78 -14.14 21.41 -1.76
CA LEU B 78 -14.37 20.41 -0.72
C LEU B 78 -14.44 21.06 0.64
N TYR B 79 -13.55 22.01 0.93
CA TYR B 79 -13.66 22.77 2.17
C TYR B 79 -15.07 23.34 2.34
N THR B 80 -15.59 23.98 1.29
CA THR B 80 -16.91 24.61 1.37
C THR B 80 -18.02 23.57 1.56
N LEU B 81 -17.98 22.45 0.81
CA LEU B 81 -18.98 21.41 1.00
C LEU B 81 -19.04 20.96 2.45
N LEU B 82 -17.88 20.71 3.04
CA LEU B 82 -17.81 20.24 4.41
C LEU B 82 -18.14 21.36 5.39
N ASN B 83 -17.64 22.57 5.12
CA ASN B 83 -17.93 23.68 6.04
C ASN B 83 -19.43 23.92 6.15
N GLU B 84 -20.18 23.64 5.07
CA GLU B 84 -21.61 23.93 5.04
C GLU B 84 -22.49 22.73 5.31
N ASN B 85 -21.97 21.50 5.19
CA ASN B 85 -22.83 20.32 5.22
C ASN B 85 -22.31 19.16 6.04
N TYR B 86 -21.20 19.30 6.77
CA TYR B 86 -20.65 18.13 7.45
C TYR B 86 -21.23 18.00 8.86
N VAL B 87 -20.49 17.38 9.77
CA VAL B 87 -21.08 16.92 11.02
C VAL B 87 -21.46 18.12 11.89
N GLU B 88 -22.71 18.13 12.37
CA GLU B 88 -23.20 19.07 13.37
C GLU B 88 -23.45 18.34 14.70
N ASP B 89 -23.48 19.11 15.78
CA ASP B 89 -23.94 18.57 17.05
C ASP B 89 -25.43 18.22 16.97
N ASP B 90 -25.90 17.51 18.00
CA ASP B 90 -27.30 17.07 18.02
C ASP B 90 -28.29 18.23 18.05
N ASP B 91 -27.86 19.42 18.47
CA ASP B 91 -28.75 20.58 18.59
C ASP B 91 -28.63 21.56 17.42
N ASN B 92 -27.78 21.28 16.43
CA ASN B 92 -27.59 22.15 15.26
C ASN B 92 -27.08 23.53 15.65
N MET B 93 -26.16 23.55 16.62
CA MET B 93 -25.53 24.77 17.06
C MET B 93 -24.09 24.92 16.58
N PHE B 94 -23.42 23.81 16.27
CA PHE B 94 -22.01 23.79 15.92
C PHE B 94 -21.80 22.82 14.77
N ARG B 95 -20.89 23.18 13.85
CA ARG B 95 -20.53 22.35 12.71
C ARG B 95 -19.01 22.32 12.55
N PHE B 96 -18.47 21.13 12.29
CA PHE B 96 -17.02 21.01 12.06
C PHE B 96 -16.57 21.93 10.93
N ASP B 97 -15.39 22.52 11.12
CA ASP B 97 -14.81 23.46 10.17
C ASP B 97 -13.35 23.08 9.86
N TYR B 98 -13.16 21.89 9.29
CA TYR B 98 -11.85 21.45 8.81
C TYR B 98 -11.25 22.43 7.83
N SER B 99 -10.01 22.82 8.06
CA SER B 99 -9.36 23.75 7.17
C SER B 99 -8.87 23.05 5.91
N PRO B 100 -8.63 23.78 4.83
CA PRO B 100 -8.10 23.12 3.62
C PRO B 100 -6.79 22.40 3.86
N GLU B 101 -5.87 23.01 4.61
CA GLU B 101 -4.58 22.37 4.87
C GLU B 101 -4.73 21.15 5.76
N PHE B 102 -5.69 21.18 6.70
CA PHE B 102 -6.02 19.99 7.49
C PHE B 102 -6.54 18.89 6.57
N LEU B 103 -7.44 19.23 5.65
CA LEU B 103 -7.95 18.22 4.73
C LEU B 103 -6.83 17.57 3.94
N LEU B 104 -5.80 18.35 3.56
CA LEU B 104 -4.70 17.75 2.83
C LEU B 104 -3.91 16.78 3.70
N TRP B 105 -3.76 17.13 4.98
CA TRP B 105 -3.09 16.24 5.93
C TRP B 105 -3.87 14.95 6.12
N ALA B 106 -5.18 15.04 6.26
CA ALA B 106 -5.99 13.87 6.55
C ALA B 106 -6.21 13.01 5.30
N LEU B 107 -6.21 13.61 4.12
CA LEU B 107 -6.59 12.90 2.91
C LEU B 107 -5.42 12.53 2.00
N ARG B 108 -4.23 13.08 2.26
CA ARG B 108 -3.09 12.61 1.49
C ARG B 108 -1.96 12.05 2.37
N PRO B 109 -2.22 11.05 3.21
CA PRO B 109 -1.11 10.39 3.91
C PRO B 109 -0.37 9.48 2.94
N PRO B 110 0.72 8.84 3.36
CA PRO B 110 1.42 7.93 2.45
C PRO B 110 0.49 6.87 1.89
N GLY B 111 0.59 6.63 0.58
CA GLY B 111 -0.25 5.66 -0.08
C GLY B 111 -1.59 6.19 -0.56
N TRP B 112 -1.88 7.47 -0.38
CA TRP B 112 -3.16 8.01 -0.84
C TRP B 112 -3.33 7.82 -2.34
N LEU B 113 -4.58 7.60 -2.76
CA LEU B 113 -4.88 7.42 -4.17
C LEU B 113 -5.93 8.42 -4.64
N PRO B 114 -5.78 8.95 -5.86
CA PRO B 114 -6.74 9.96 -6.33
C PRO B 114 -8.17 9.43 -6.47
N GLN B 115 -8.34 8.19 -6.91
CA GLN B 115 -9.70 7.66 -7.10
C GLN B 115 -10.43 7.48 -5.76
N TRP B 116 -9.70 7.49 -4.66
CA TRP B 116 -10.32 7.36 -3.35
C TRP B 116 -10.78 8.69 -2.76
N HIS B 117 -10.65 9.80 -3.49
CA HIS B 117 -11.28 11.07 -3.11
C HIS B 117 -12.51 11.23 -4.01
N CYS B 118 -13.60 10.63 -3.58
CA CYS B 118 -14.72 10.30 -4.45
C CYS B 118 -15.81 11.37 -4.29
N GLY B 119 -15.90 12.27 -5.27
CA GLY B 119 -16.86 13.36 -5.22
C GLY B 119 -18.07 13.10 -6.11
N VAL B 120 -19.14 13.84 -5.82
CA VAL B 120 -20.36 13.86 -6.63
C VAL B 120 -20.67 15.29 -7.01
N ARG B 121 -20.88 15.55 -8.30
CA ARG B 121 -21.18 16.89 -8.78
C ARG B 121 -22.52 16.93 -9.51
N VAL B 122 -23.18 18.08 -9.43
CA VAL B 122 -24.33 18.35 -10.28
C VAL B 122 -23.83 18.54 -11.71
N VAL B 123 -24.46 17.85 -12.67
CA VAL B 123 -23.95 17.86 -14.04
C VAL B 123 -23.96 19.28 -14.61
N SER B 124 -25.08 19.99 -14.42
CA SER B 124 -25.26 21.29 -15.08
C SER B 124 -24.37 22.37 -14.46
N SER B 125 -24.41 22.51 -13.13
CA SER B 125 -23.69 23.59 -12.47
C SER B 125 -22.28 23.23 -12.06
N ARG B 126 -21.94 21.94 -12.05
CA ARG B 126 -20.68 21.40 -11.52
C ARG B 126 -20.55 21.57 -10.01
N LYS B 127 -21.64 21.91 -9.32
CA LYS B 127 -21.58 22.10 -7.87
C LYS B 127 -21.26 20.78 -7.16
N LEU B 128 -20.30 20.83 -6.24
CA LEU B 128 -19.95 19.66 -5.44
C LEU B 128 -21.03 19.43 -4.38
N VAL B 129 -21.68 18.26 -4.42
CA VAL B 129 -22.79 17.97 -3.52
C VAL B 129 -22.62 16.68 -2.74
N GLY B 130 -21.51 15.97 -2.90
CA GLY B 130 -21.32 14.72 -2.18
C GLY B 130 -19.86 14.36 -2.14
N PHE B 131 -19.47 13.58 -1.12
CA PHE B 131 -18.07 13.18 -1.01
C PHE B 131 -17.96 11.99 -0.06
N ILE B 132 -16.94 11.17 -0.30
CA ILE B 132 -16.52 10.12 0.62
C ILE B 132 -15.06 9.83 0.30
N SER B 133 -14.28 9.46 1.31
CA SER B 133 -12.87 9.23 1.07
C SER B 133 -12.41 7.92 1.68
N ALA B 134 -11.36 7.35 1.08
CA ALA B 134 -10.62 6.24 1.65
C ALA B 134 -9.15 6.60 1.69
N ILE B 135 -8.46 6.21 2.77
CA ILE B 135 -7.01 6.25 2.82
C ILE B 135 -6.53 4.88 3.29
N PRO B 136 -5.36 4.41 2.87
CA PRO B 136 -4.93 3.08 3.28
C PRO B 136 -4.36 3.12 4.70
N ALA B 137 -4.50 2.01 5.42
CA ALA B 137 -3.93 1.91 6.76
C ALA B 137 -3.73 0.44 7.11
N ASN B 138 -2.58 0.12 7.70
CA ASN B 138 -2.41 -1.19 8.27
C ASN B 138 -3.04 -1.20 9.65
N ILE B 139 -3.91 -2.17 9.91
CA ILE B 139 -4.71 -2.20 11.13
C ILE B 139 -4.43 -3.50 11.87
N HIS B 140 -4.19 -3.40 13.18
CA HIS B 140 -4.04 -4.56 14.03
C HIS B 140 -5.32 -4.72 14.81
N ILE B 141 -5.97 -5.87 14.66
CA ILE B 141 -7.24 -6.14 15.33
C ILE B 141 -7.11 -7.47 16.04
N TYR B 142 -7.11 -7.44 17.37
CA TYR B 142 -6.77 -8.59 18.20
C TYR B 142 -5.48 -9.25 17.71
N ASP B 143 -5.55 -10.48 17.21
CA ASP B 143 -4.34 -11.18 16.82
C ASP B 143 -4.06 -11.11 15.33
N THR B 144 -4.71 -10.21 14.59
CA THR B 144 -4.57 -10.15 13.14
C THR B 144 -4.14 -8.75 12.70
N GLU B 145 -3.20 -8.70 11.76
CA GLU B 145 -2.78 -7.47 11.11
C GLU B 145 -3.21 -7.52 9.65
N LYS B 146 -4.05 -6.57 9.24
CA LYS B 146 -4.57 -6.52 7.88
C LYS B 146 -4.39 -5.13 7.29
N LYS B 147 -4.05 -5.10 6.00
CA LYS B 147 -4.18 -3.87 5.23
C LYS B 147 -5.65 -3.56 5.02
N MET B 148 -6.05 -2.35 5.40
CA MET B 148 -7.43 -1.89 5.29
C MET B 148 -7.44 -0.49 4.71
N VAL B 149 -8.64 0.08 4.58
CA VAL B 149 -8.80 1.52 4.38
C VAL B 149 -9.55 2.09 5.57
N GLU B 150 -9.29 3.37 5.84
CA GLU B 150 -10.09 4.17 6.76
C GLU B 150 -11.03 5.04 5.92
N ILE B 151 -12.33 4.94 6.21
CA ILE B 151 -13.35 5.70 5.50
C ILE B 151 -13.71 6.91 6.35
N ASN B 152 -13.72 8.09 5.72
CA ASN B 152 -13.93 9.32 6.45
C ASN B 152 -14.56 10.33 5.49
N PHE B 153 -15.16 11.38 6.07
CA PHE B 153 -15.65 12.54 5.33
C PHE B 153 -16.82 12.20 4.39
N LEU B 154 -17.61 11.20 4.76
CA LEU B 154 -18.86 10.97 4.05
C LEU B 154 -19.78 12.16 4.28
N CYS B 155 -20.20 12.80 3.19
CA CYS B 155 -20.97 14.04 3.27
C CYS B 155 -21.90 14.14 2.08
N VAL B 156 -23.17 14.39 2.35
CA VAL B 156 -24.19 14.66 1.33
C VAL B 156 -24.74 16.05 1.61
N HIS B 157 -24.80 16.88 0.57
CA HIS B 157 -25.34 18.22 0.71
C HIS B 157 -26.72 18.18 1.36
N LYS B 158 -26.99 19.17 2.22
CA LYS B 158 -28.24 19.18 2.97
C LYS B 158 -29.46 19.10 2.06
N LYS B 159 -29.40 19.75 0.90
CA LYS B 159 -30.57 19.72 0.04
C LYS B 159 -30.76 18.39 -0.68
N LEU B 160 -29.82 17.45 -0.50
CA LEU B 160 -29.91 16.12 -1.09
C LEU B 160 -30.12 15.02 -0.06
N ARG B 161 -30.31 15.38 1.20
CA ARG B 161 -30.41 14.37 2.25
C ARG B 161 -31.67 13.53 2.07
N SER B 162 -31.62 12.31 2.61
CA SER B 162 -32.77 11.41 2.64
C SER B 162 -33.24 11.01 1.26
N LYS B 163 -32.32 11.02 0.29
CA LYS B 163 -32.55 10.51 -1.05
C LYS B 163 -31.80 9.20 -1.31
N ARG B 164 -31.25 8.59 -0.27
CA ARG B 164 -30.45 7.36 -0.36
C ARG B 164 -29.24 7.55 -1.27
N VAL B 165 -28.65 8.74 -1.23
CA VAL B 165 -27.39 8.99 -1.91
C VAL B 165 -26.22 8.39 -1.12
N ALA B 166 -26.31 8.36 0.21
CA ALA B 166 -25.21 7.79 1.00
C ALA B 166 -24.93 6.33 0.65
N PRO B 167 -25.93 5.44 0.52
CA PRO B 167 -25.61 4.06 0.11
C PRO B 167 -24.86 3.98 -1.20
N VAL B 168 -25.16 4.88 -2.14
N VAL B 168 -25.12 4.89 -2.14
CA VAL B 168 -24.44 4.87 -3.41
CA VAL B 168 -24.40 4.78 -3.42
C VAL B 168 -22.99 5.24 -3.19
C VAL B 168 -22.99 5.34 -3.30
N LEU B 169 -22.75 6.30 -2.40
CA LEU B 169 -21.38 6.70 -2.11
C LEU B 169 -20.61 5.59 -1.41
N ILE B 170 -21.28 4.84 -0.54
CA ILE B 170 -20.58 3.77 0.18
C ILE B 170 -20.26 2.61 -0.76
N ARG B 171 -21.21 2.23 -1.61
CA ARG B 171 -20.96 1.14 -2.55
C ARG B 171 -19.87 1.52 -3.54
N GLU B 172 -19.86 2.77 -3.99
CA GLU B 172 -18.87 3.18 -4.97
C GLU B 172 -17.46 3.23 -4.36
N ILE B 173 -17.31 3.74 -3.13
CA ILE B 173 -15.96 3.70 -2.56
C ILE B 173 -15.54 2.26 -2.28
N THR B 174 -16.49 1.40 -1.87
CA THR B 174 -16.20 -0.02 -1.68
C THR B 174 -15.65 -0.63 -2.97
N ARG B 175 -16.35 -0.42 -4.09
CA ARG B 175 -15.88 -0.91 -5.38
C ARG B 175 -14.46 -0.41 -5.70
N ARG B 176 -14.20 0.88 -5.50
CA ARG B 176 -12.89 1.42 -5.84
C ARG B 176 -11.80 0.89 -4.91
N VAL B 177 -12.15 0.50 -3.69
CA VAL B 177 -11.18 -0.10 -2.79
C VAL B 177 -10.94 -1.55 -3.14
N HIS B 178 -12.03 -2.29 -3.43
CA HIS B 178 -11.91 -3.66 -3.93
C HIS B 178 -11.00 -3.75 -5.14
N LEU B 179 -11.06 -2.75 -6.03
CA LEU B 179 -10.24 -2.82 -7.22
C LEU B 179 -8.76 -2.82 -6.88
N GLU B 180 -8.40 -2.23 -5.74
CA GLU B 180 -7.02 -2.20 -5.31
C GLU B 180 -6.63 -3.40 -4.45
N GLY B 181 -7.53 -4.37 -4.29
CA GLY B 181 -7.21 -5.57 -3.55
C GLY B 181 -7.42 -5.52 -2.06
N ILE B 182 -8.20 -4.56 -1.55
CA ILE B 182 -8.42 -4.41 -0.12
C ILE B 182 -9.88 -4.74 0.18
N PHE B 183 -10.12 -5.54 1.23
CA PHE B 183 -11.47 -6.03 1.47
C PHE B 183 -11.99 -5.76 2.88
N GLN B 184 -11.26 -5.00 3.68
CA GLN B 184 -11.69 -4.62 5.02
C GLN B 184 -11.53 -3.12 5.18
N ALA B 185 -12.37 -2.54 6.03
CA ALA B 185 -12.28 -1.11 6.33
C ALA B 185 -12.55 -0.89 7.81
N VAL B 186 -12.06 0.24 8.31
CA VAL B 186 -12.40 0.74 9.64
C VAL B 186 -12.95 2.16 9.47
N TYR B 187 -13.87 2.54 10.36
CA TYR B 187 -14.52 3.85 10.32
C TYR B 187 -15.21 4.10 11.65
N THR B 188 -15.41 5.38 11.95
CA THR B 188 -16.15 5.80 13.13
C THR B 188 -17.38 6.60 12.72
N ALA B 189 -18.36 6.64 13.62
CA ALA B 189 -19.56 7.45 13.41
C ALA B 189 -20.25 7.67 14.75
N GLY B 190 -21.01 8.76 14.83
CA GLY B 190 -21.85 9.04 15.98
C GLY B 190 -23.20 8.38 15.96
N VAL B 191 -23.55 7.72 14.86
CA VAL B 191 -24.79 6.96 14.78
C VAL B 191 -24.49 5.49 15.01
N VAL B 192 -25.48 4.77 15.50
CA VAL B 192 -25.37 3.33 15.71
C VAL B 192 -25.79 2.62 14.43
N LEU B 193 -24.90 1.79 13.91
CA LEU B 193 -25.12 0.96 12.73
C LEU B 193 -24.74 -0.46 13.10
N PRO B 194 -25.09 -1.44 12.27
CA PRO B 194 -24.49 -2.77 12.44
C PRO B 194 -23.03 -2.72 12.01
N LYS B 195 -22.11 -3.06 12.91
CA LYS B 195 -22.32 -3.32 14.34
C LYS B 195 -21.04 -2.85 15.05
N PRO B 196 -21.16 -1.99 16.06
CA PRO B 196 -19.95 -1.41 16.67
C PRO B 196 -19.03 -2.48 17.23
N VAL B 197 -17.74 -2.32 16.95
CA VAL B 197 -16.73 -3.15 17.62
C VAL B 197 -16.33 -2.52 18.95
N GLY B 198 -16.64 -1.25 19.16
CA GLY B 198 -16.37 -0.56 20.41
C GLY B 198 -17.09 0.76 20.44
N THR B 199 -17.45 1.24 21.64
CA THR B 199 -18.17 2.49 21.78
C THR B 199 -17.40 3.38 22.75
N CYS B 200 -17.05 4.58 22.29
CA CYS B 200 -16.26 5.53 23.07
C CYS B 200 -17.07 6.79 23.32
N ARG B 201 -16.77 7.45 24.44
CA ARG B 201 -17.48 8.64 24.88
C ARG B 201 -16.54 9.84 24.81
N TYR B 202 -17.01 10.92 24.20
CA TYR B 202 -16.22 12.14 24.20
C TYR B 202 -16.32 12.83 25.55
N TRP B 203 -15.19 13.39 26.00
CA TRP B 203 -15.09 14.25 27.17
C TRP B 203 -14.49 15.58 26.76
N HIS B 204 -14.73 16.61 27.57
CA HIS B 204 -14.37 17.97 27.20
C HIS B 204 -13.76 18.69 28.39
N ARG B 205 -12.64 19.35 28.17
CA ARG B 205 -11.95 20.15 29.18
C ARG B 205 -12.00 21.61 28.77
N SER B 206 -12.78 22.42 29.50
CA SER B 206 -12.85 23.85 29.22
C SER B 206 -11.49 24.52 29.37
N LEU B 207 -11.16 25.38 28.42
CA LEU B 207 -9.97 26.22 28.46
C LEU B 207 -10.30 27.71 28.50
N ASN B 208 -11.34 28.15 27.78
CA ASN B 208 -11.88 29.49 27.90
C ASN B 208 -13.33 29.36 28.35
N PRO B 209 -13.57 29.12 29.64
CA PRO B 209 -14.95 28.87 30.10
C PRO B 209 -15.90 29.99 29.73
N ARG B 210 -15.42 31.24 29.74
CA ARG B 210 -16.25 32.39 29.40
C ARG B 210 -16.90 32.20 28.03
N LYS B 211 -16.07 32.08 26.99
CA LYS B 211 -16.59 31.91 25.63
C LYS B 211 -17.49 30.69 25.53
N LEU B 212 -17.12 29.58 26.17
CA LEU B 212 -17.91 28.36 26.06
C LEU B 212 -19.30 28.52 26.64
N ILE B 213 -19.46 29.34 27.70
CA ILE B 213 -20.78 29.59 28.26
C ILE B 213 -21.58 30.50 27.34
N GLU B 214 -20.93 31.55 26.81
CA GLU B 214 -21.66 32.56 26.05
C GLU B 214 -22.19 32.01 24.74
N VAL B 215 -21.49 31.04 24.15
CA VAL B 215 -21.97 30.35 22.95
C VAL B 215 -22.81 29.13 23.30
N LYS B 216 -23.05 28.86 24.59
CA LYS B 216 -23.85 27.73 25.05
C LYS B 216 -23.25 26.39 24.60
N PHE B 217 -21.93 26.35 24.42
CA PHE B 217 -21.27 25.05 24.28
C PHE B 217 -21.32 24.28 25.59
N SER B 218 -21.07 24.97 26.70
CA SER B 218 -21.31 24.45 28.03
C SER B 218 -22.21 25.42 28.77
N HIS B 219 -22.58 25.04 29.98
N HIS B 219 -22.58 25.04 29.99
CA HIS B 219 -23.36 25.87 30.89
CA HIS B 219 -23.35 25.91 30.87
C HIS B 219 -22.73 25.83 32.27
C HIS B 219 -22.76 25.82 32.26
N LEU B 220 -23.07 26.83 33.08
CA LEU B 220 -22.57 26.85 34.44
C LEU B 220 -23.16 25.70 35.23
N SER B 221 -22.29 24.93 35.89
CA SER B 221 -22.71 23.76 36.63
C SER B 221 -23.66 24.15 37.76
N ARG B 222 -24.46 23.18 38.20
CA ARG B 222 -25.37 23.40 39.31
C ARG B 222 -24.59 23.80 40.56
N ASN B 223 -25.02 24.88 41.21
CA ASN B 223 -24.42 25.43 42.42
C ASN B 223 -23.06 26.09 42.17
N MET B 224 -22.78 26.55 40.96
CA MET B 224 -21.51 27.17 40.63
C MET B 224 -21.73 28.47 39.86
N THR B 225 -20.92 29.47 40.16
CA THR B 225 -21.00 30.79 39.53
C THR B 225 -19.93 30.91 38.45
N MET B 226 -19.98 32.03 37.72
CA MET B 226 -19.06 32.26 36.61
C MET B 226 -17.66 32.61 37.12
N GLN B 227 -17.57 33.34 38.23
CA GLN B 227 -16.27 33.67 38.79
C GLN B 227 -15.55 32.42 39.30
N ARG B 228 -16.30 31.46 39.83
CA ARG B 228 -15.71 30.20 40.31
C ARG B 228 -15.33 29.28 39.16
N THR B 229 -16.18 29.16 38.15
CA THR B 229 -15.87 28.32 37.00
C THR B 229 -14.57 28.77 36.33
N MET B 230 -14.31 30.07 36.31
CA MET B 230 -13.09 30.56 35.68
C MET B 230 -11.86 30.22 36.50
N LYS B 231 -11.95 30.37 37.83
CA LYS B 231 -10.83 29.97 38.68
C LYS B 231 -10.67 28.46 38.69
N LEU B 232 -11.79 27.73 38.67
CA LEU B 232 -11.73 26.28 38.71
C LEU B 232 -10.93 25.72 37.52
N TYR B 233 -11.06 26.35 36.36
CA TYR B 233 -10.42 25.89 35.13
C TYR B 233 -9.10 26.61 34.83
N ARG B 234 -8.65 27.50 35.71
CA ARG B 234 -7.39 28.19 35.48
C ARG B 234 -6.26 27.18 35.36
N LEU B 235 -5.34 27.43 34.45
CA LEU B 235 -4.20 26.55 34.20
C LEU B 235 -2.91 27.32 34.36
N PRO B 236 -1.81 26.64 34.76
CA PRO B 236 -0.48 27.28 34.73
C PRO B 236 -0.18 27.94 33.40
N GLU B 237 0.75 28.89 33.40
CA GLU B 237 1.10 29.58 32.15
C GLU B 237 2.00 28.74 31.26
N THR B 238 2.81 27.87 31.85
CA THR B 238 3.83 27.11 31.14
C THR B 238 3.78 25.65 31.60
N PRO B 239 4.14 24.73 30.71
CA PRO B 239 4.18 23.31 31.09
C PRO B 239 5.15 23.06 32.24
N LYS B 240 4.93 21.95 32.92
CA LYS B 240 5.72 21.53 34.07
C LYS B 240 6.82 20.53 33.73
N THR B 241 6.61 19.65 32.75
CA THR B 241 7.51 18.53 32.52
C THR B 241 8.87 18.99 32.01
N ALA B 242 9.92 18.50 32.67
CA ALA B 242 11.29 18.78 32.27
C ALA B 242 11.55 18.31 30.84
N GLY B 243 12.11 19.21 30.04
CA GLY B 243 12.60 18.84 28.74
C GLY B 243 11.54 18.65 27.68
N LEU B 244 10.32 19.13 27.93
CA LEU B 244 9.27 19.09 26.93
C LEU B 244 9.55 20.12 25.84
N ARG B 245 9.49 19.69 24.58
CA ARG B 245 9.72 20.58 23.44
C ARG B 245 8.96 20.05 22.24
N PRO B 246 8.79 20.86 21.19
CA PRO B 246 8.15 20.35 19.97
C PRO B 246 8.99 19.25 19.31
N MET B 247 8.28 18.30 18.70
CA MET B 247 8.91 17.25 17.92
C MET B 247 9.67 17.86 16.73
N GLU B 248 10.88 17.36 16.50
CA GLU B 248 11.69 17.75 15.36
C GLU B 248 11.94 16.53 14.47
N THR B 249 12.49 16.80 13.29
CA THR B 249 12.81 15.72 12.34
C THR B 249 13.63 14.61 12.97
N LYS B 250 14.62 14.97 13.82
CA LYS B 250 15.48 13.97 14.43
C LYS B 250 14.72 13.03 15.36
N ASP B 251 13.51 13.40 15.80
CA ASP B 251 12.69 12.58 16.69
C ASP B 251 11.81 11.56 15.96
N ILE B 252 11.72 11.63 14.63
CA ILE B 252 10.84 10.70 13.91
C ILE B 252 11.11 9.25 14.29
N PRO B 253 12.34 8.73 14.26
CA PRO B 253 12.54 7.32 14.65
C PRO B 253 12.11 6.99 16.07
N VAL B 254 12.51 7.79 17.07
CA VAL B 254 12.14 7.41 18.42
C VAL B 254 10.63 7.57 18.64
N VAL B 255 9.98 8.52 17.96
CA VAL B 255 8.54 8.61 18.13
C VAL B 255 7.86 7.37 17.56
N HIS B 256 8.34 6.89 16.41
CA HIS B 256 7.84 5.65 15.84
C HIS B 256 8.06 4.48 16.81
N GLN B 257 9.25 4.38 17.39
CA GLN B 257 9.53 3.29 18.31
C GLN B 257 8.60 3.33 19.52
N LEU B 258 8.50 4.50 20.17
CA LEU B 258 7.63 4.62 21.36
C LEU B 258 6.19 4.27 21.03
N LEU B 259 5.67 4.82 19.93
CA LEU B 259 4.27 4.56 19.57
C LEU B 259 4.03 3.07 19.33
N THR B 260 4.91 2.43 18.55
CA THR B 260 4.72 1.03 18.22
C THR B 260 4.70 0.16 19.47
N ARG B 261 5.64 0.38 20.39
CA ARG B 261 5.66 -0.43 21.61
C ARG B 261 4.44 -0.13 22.48
N TYR B 262 4.07 1.14 22.58
CA TYR B 262 2.95 1.51 23.45
C TYR B 262 1.63 0.92 22.95
N LEU B 263 1.44 0.85 21.63
CA LEU B 263 0.15 0.42 21.09
C LEU B 263 -0.09 -1.09 21.21
N LYS B 264 0.93 -1.89 21.55
CA LYS B 264 0.73 -3.33 21.61
C LYS B 264 -0.28 -3.75 22.68
N GLN B 265 -0.52 -2.91 23.68
CA GLN B 265 -1.40 -3.29 24.78
C GLN B 265 -2.89 -3.15 24.43
N PHE B 266 -3.24 -2.55 23.31
CA PHE B 266 -4.64 -2.39 22.94
C PHE B 266 -5.00 -3.40 21.86
N HIS B 267 -6.30 -3.47 21.54
CA HIS B 267 -6.82 -4.50 20.64
C HIS B 267 -7.21 -4.00 19.26
N LEU B 268 -7.35 -2.70 19.07
CA LEU B 268 -7.62 -2.08 17.77
C LEU B 268 -6.69 -0.89 17.63
N THR B 269 -5.69 -0.99 16.76
CA THR B 269 -4.62 0.00 16.68
C THR B 269 -4.13 0.12 15.25
N PRO B 270 -3.57 1.27 14.88
CA PRO B 270 -2.87 1.35 13.60
C PRO B 270 -1.48 0.74 13.72
N VAL B 271 -0.97 0.29 12.59
CA VAL B 271 0.43 -0.14 12.47
C VAL B 271 1.08 0.85 11.51
N MET B 272 1.81 1.82 12.03
CA MET B 272 2.36 2.87 11.20
C MET B 272 3.79 2.57 10.77
N SER B 273 4.08 2.84 9.49
CA SER B 273 5.47 2.90 9.07
C SER B 273 6.12 4.16 9.61
N GLN B 274 7.45 4.23 9.49
CA GLN B 274 8.14 5.44 9.92
C GLN B 274 7.74 6.64 9.06
N GLU B 275 7.47 6.44 7.76
CA GLU B 275 6.96 7.53 6.94
C GLU B 275 5.58 7.98 7.42
N GLU B 276 4.73 7.04 7.82
CA GLU B 276 3.40 7.40 8.33
C GLU B 276 3.52 8.15 9.65
N VAL B 277 4.49 7.77 10.49
CA VAL B 277 4.71 8.51 11.74
C VAL B 277 5.09 9.95 11.44
N GLU B 278 6.03 10.15 10.51
CA GLU B 278 6.37 11.51 10.09
C GLU B 278 5.13 12.29 9.67
N HIS B 279 4.29 11.68 8.84
CA HIS B 279 3.11 12.40 8.35
C HIS B 279 2.15 12.73 9.48
N TRP B 280 1.83 11.76 10.34
CA TRP B 280 0.78 11.97 11.32
C TRP B 280 1.23 12.79 12.52
N PHE B 281 2.53 12.91 12.77
CA PHE B 281 2.96 13.60 13.99
C PHE B 281 3.84 14.81 13.79
N TYR B 282 4.53 14.93 12.66
CA TYR B 282 5.46 16.05 12.51
C TYR B 282 4.67 17.35 12.54
N PRO B 283 5.04 18.30 13.41
CA PRO B 283 4.13 19.43 13.69
C PRO B 283 3.89 20.29 12.46
N GLN B 284 2.63 20.67 12.29
CA GLN B 284 2.19 21.64 11.29
C GLN B 284 1.25 22.61 12.00
N GLU B 285 1.59 23.89 11.99
CA GLU B 285 0.83 24.88 12.75
C GLU B 285 -0.64 24.84 12.35
N ASN B 286 -1.52 24.87 13.35
CA ASN B 286 -2.98 24.87 13.15
C ASN B 286 -3.49 23.58 12.52
N ILE B 287 -2.73 22.49 12.66
CA ILE B 287 -3.19 21.19 12.16
C ILE B 287 -2.89 20.11 13.19
N ILE B 288 -1.60 19.92 13.50
CA ILE B 288 -1.14 18.85 14.38
C ILE B 288 0.02 19.36 15.22
N ASP B 289 -0.08 19.15 16.53
CA ASP B 289 0.98 19.51 17.47
C ASP B 289 1.49 18.24 18.13
N THR B 290 2.81 18.11 18.20
CA THR B 290 3.41 16.97 18.89
C THR B 290 4.56 17.52 19.71
N PHE B 291 4.55 17.22 21.00
CA PHE B 291 5.64 17.59 21.90
C PHE B 291 6.28 16.32 22.48
N VAL B 292 7.60 16.27 22.48
CA VAL B 292 8.32 15.14 23.06
C VAL B 292 8.98 15.58 24.36
N VAL B 293 9.23 14.60 25.24
CA VAL B 293 10.02 14.81 26.46
C VAL B 293 11.43 14.27 26.21
N GLU B 294 12.41 15.17 26.14
CA GLU B 294 13.82 14.79 26.05
C GLU B 294 14.45 14.99 27.43
N ASN B 295 14.89 13.89 28.05
CA ASN B 295 15.28 13.91 29.46
C ASN B 295 16.71 14.43 29.63
N ALA B 296 17.24 14.34 30.85
CA ALA B 296 18.55 14.87 31.19
C ALA B 296 19.70 14.12 30.52
N ASN B 297 19.44 12.93 29.99
CA ASN B 297 20.43 12.19 29.22
C ASN B 297 20.29 12.41 27.72
N GLY B 298 19.31 13.20 27.29
CA GLY B 298 19.10 13.43 25.87
C GLY B 298 18.22 12.41 25.18
N GLU B 299 17.57 11.54 25.91
N GLU B 299 17.60 11.51 25.90
N GLU B 299 17.60 11.52 25.92
CA GLU B 299 16.73 10.48 25.36
CA GLU B 299 16.76 10.49 25.28
CA GLU B 299 16.72 10.50 25.37
C GLU B 299 15.27 10.90 25.39
C GLU B 299 15.29 10.91 25.36
C GLU B 299 15.29 11.01 25.34
N VAL B 300 14.56 10.65 24.29
CA VAL B 300 13.14 10.95 24.20
C VAL B 300 12.37 9.79 24.81
N THR B 301 11.62 10.07 25.86
CA THR B 301 10.94 9.03 26.63
C THR B 301 9.42 9.11 26.56
N ASP B 302 8.85 10.23 26.12
CA ASP B 302 7.40 10.39 26.09
C ASP B 302 7.03 11.34 24.95
N PHE B 303 5.78 11.28 24.51
CA PHE B 303 5.28 12.38 23.69
C PHE B 303 3.76 12.53 23.85
N LEU B 304 3.30 13.74 23.60
CA LEU B 304 1.89 14.07 23.58
C LEU B 304 1.56 14.68 22.23
N SER B 305 0.32 14.49 21.77
CA SER B 305 -0.06 15.11 20.52
C SER B 305 -1.55 15.41 20.52
N PHE B 306 -1.92 16.46 19.79
CA PHE B 306 -3.32 16.84 19.62
C PHE B 306 -3.46 17.56 18.29
N TYR B 307 -4.61 17.35 17.62
CA TYR B 307 -4.86 18.02 16.35
C TYR B 307 -5.90 19.12 16.50
N THR B 308 -5.91 20.03 15.52
CA THR B 308 -6.69 21.28 15.57
C THR B 308 -7.94 21.11 14.72
N LEU B 309 -9.12 21.31 15.33
CA LEU B 309 -10.38 21.13 14.60
C LEU B 309 -11.38 22.15 15.12
N PRO B 310 -11.42 23.33 14.52
CA PRO B 310 -12.40 24.33 14.95
C PRO B 310 -13.79 23.97 14.43
N SER B 311 -14.80 24.60 15.02
CA SER B 311 -16.18 24.42 14.60
C SER B 311 -16.84 25.77 14.36
N THR B 312 -17.67 25.83 13.32
CA THR B 312 -18.49 27.02 13.12
C THR B 312 -19.57 27.07 14.20
N ILE B 313 -19.80 28.26 14.74
CA ILE B 313 -20.91 28.48 15.67
C ILE B 313 -22.07 29.07 14.87
N MET B 314 -23.15 28.31 14.71
CA MET B 314 -24.23 28.71 13.82
C MET B 314 -25.09 29.82 14.40
N ASN B 315 -25.43 30.80 13.56
CA ASN B 315 -26.45 31.80 13.86
C ASN B 315 -26.08 32.64 15.07
N HIS B 316 -24.78 32.92 15.26
CA HIS B 316 -24.41 33.75 16.40
C HIS B 316 -23.82 35.05 15.91
N PRO B 317 -24.36 36.19 16.36
CA PRO B 317 -23.93 37.48 15.81
C PRO B 317 -22.48 37.84 16.10
N THR B 318 -21.92 37.38 17.22
CA THR B 318 -20.61 37.84 17.64
C THR B 318 -19.54 36.76 17.61
N HIS B 319 -19.84 35.57 18.14
CA HIS B 319 -18.88 34.47 18.18
C HIS B 319 -19.13 33.55 17.00
N LYS B 320 -18.14 33.43 16.11
CA LYS B 320 -18.32 32.72 14.86
C LYS B 320 -17.66 31.36 14.82
N SER B 321 -16.65 31.10 15.65
CA SER B 321 -15.91 29.85 15.59
C SER B 321 -15.47 29.43 16.98
N LEU B 322 -15.44 28.11 17.17
CA LEU B 322 -15.00 27.46 18.39
C LEU B 322 -13.70 26.70 18.08
N LYS B 323 -12.60 27.14 18.68
N LYS B 323 -12.59 27.14 18.67
CA LYS B 323 -11.29 26.53 18.43
CA LYS B 323 -11.30 26.52 18.41
C LYS B 323 -11.11 25.35 19.38
C LYS B 323 -11.10 25.35 19.37
N ALA B 324 -11.16 24.13 18.84
CA ALA B 324 -11.04 22.91 19.63
C ALA B 324 -9.77 22.15 19.32
N ALA B 325 -9.16 21.59 20.37
CA ALA B 325 -8.02 20.69 20.26
C ALA B 325 -8.50 19.29 20.55
N TYR B 326 -8.05 18.31 19.77
CA TYR B 326 -8.45 16.92 19.97
C TYR B 326 -7.25 16.09 20.35
N SER B 327 -7.35 15.38 21.47
CA SER B 327 -6.31 14.43 21.86
C SER B 327 -6.07 13.42 20.74
N PHE B 328 -4.79 13.13 20.46
CA PHE B 328 -4.43 12.28 19.35
C PHE B 328 -3.82 11.01 19.93
N TYR B 329 -2.50 10.85 19.90
CA TYR B 329 -1.85 9.74 20.57
C TYR B 329 -0.90 10.28 21.63
N ASN B 330 -0.98 9.73 22.83
CA ASN B 330 -0.14 10.14 23.94
C ASN B 330 0.58 8.93 24.48
N VAL B 331 1.90 8.96 24.46
CA VAL B 331 2.70 7.81 24.86
C VAL B 331 3.56 8.24 26.05
N HIS B 332 3.48 7.47 27.14
CA HIS B 332 4.26 7.70 28.34
C HIS B 332 5.07 6.45 28.66
N THR B 333 6.36 6.65 28.96
CA THR B 333 7.19 5.59 29.52
C THR B 333 7.97 6.02 30.76
N GLN B 334 8.18 7.32 30.98
CA GLN B 334 8.90 7.80 32.16
C GLN B 334 8.13 8.91 32.86
N THR B 335 7.38 9.71 32.10
CA THR B 335 6.55 10.78 32.64
C THR B 335 5.14 10.24 32.90
N PRO B 336 4.55 10.47 34.07
CA PRO B 336 3.18 9.99 34.30
C PRO B 336 2.23 10.57 33.27
N LEU B 337 1.29 9.74 32.82
CA LEU B 337 0.29 10.19 31.86
C LEU B 337 -0.45 11.43 32.36
N LEU B 338 -0.81 11.43 33.65
CA LEU B 338 -1.46 12.60 34.26
C LEU B 338 -0.67 13.88 34.01
N ASP B 339 0.65 13.84 34.24
CA ASP B 339 1.47 15.03 34.05
C ASP B 339 1.59 15.41 32.59
N LEU B 340 1.72 14.40 31.72
CA LEU B 340 1.78 14.66 30.29
C LEU B 340 0.52 15.38 29.80
N MET B 341 -0.65 14.92 30.25
CA MET B 341 -1.88 15.53 29.75
C MET B 341 -2.13 16.88 30.40
N SER B 342 -1.63 17.09 31.61
N SER B 342 -1.63 17.08 31.62
CA SER B 342 -1.68 18.44 32.19
CA SER B 342 -1.65 18.42 32.22
C SER B 342 -0.95 19.43 31.29
C SER B 342 -0.95 19.42 31.32
N ASP B 343 0.23 19.06 30.82
CA ASP B 343 0.98 19.94 29.94
C ASP B 343 0.33 20.07 28.58
N ALA B 344 -0.34 19.02 28.11
CA ALA B 344 -1.15 19.16 26.89
C ALA B 344 -2.20 20.25 27.06
N LEU B 345 -2.90 20.24 28.21
CA LEU B 345 -3.91 21.26 28.46
C LEU B 345 -3.29 22.65 28.49
N VAL B 346 -2.15 22.78 29.17
CA VAL B 346 -1.46 24.07 29.24
C VAL B 346 -1.01 24.51 27.85
N LEU B 347 -0.44 23.59 27.08
CA LEU B 347 0.00 23.96 25.73
C LEU B 347 -1.19 24.39 24.87
N ALA B 348 -2.31 23.67 24.97
CA ALA B 348 -3.49 24.05 24.19
C ALA B 348 -4.00 25.42 24.59
N LYS B 349 -4.02 25.71 25.89
CA LYS B 349 -4.39 27.04 26.35
C LYS B 349 -3.48 28.11 25.76
N MET B 350 -2.16 27.88 25.85
CA MET B 350 -1.20 28.85 25.29
C MET B 350 -1.47 29.12 23.82
N LYS B 351 -1.88 28.10 23.08
CA LYS B 351 -2.07 28.24 21.65
C LYS B 351 -3.43 28.80 21.27
N GLY B 352 -4.25 29.21 22.23
CA GLY B 352 -5.52 29.85 21.94
C GLY B 352 -6.72 28.94 21.81
N PHE B 353 -6.63 27.69 22.24
CA PHE B 353 -7.79 26.80 22.11
C PHE B 353 -8.83 27.15 23.16
N ASP B 354 -10.11 27.00 22.79
CA ASP B 354 -11.20 27.22 23.73
C ASP B 354 -11.55 25.95 24.51
N VAL B 355 -11.31 24.78 23.93
CA VAL B 355 -11.68 23.53 24.58
C VAL B 355 -10.69 22.45 24.14
N PHE B 356 -10.54 21.43 24.99
CA PHE B 356 -9.66 20.29 24.71
C PHE B 356 -10.53 19.05 24.82
N ASN B 357 -10.71 18.35 23.71
CA ASN B 357 -11.54 17.15 23.65
C ASN B 357 -10.70 15.88 23.70
N ALA B 358 -11.29 14.84 24.28
CA ALA B 358 -10.62 13.55 24.35
C ALA B 358 -11.67 12.47 24.56
N LEU B 359 -11.39 11.31 24.00
CA LEU B 359 -12.20 10.11 24.13
C LEU B 359 -11.76 9.30 25.35
N ASP B 360 -12.64 8.42 25.82
CA ASP B 360 -12.32 7.55 26.93
C ASP B 360 -11.62 6.26 26.51
N LEU B 361 -10.95 6.27 25.36
CA LEU B 361 -10.23 5.10 24.89
C LEU B 361 -8.79 5.08 25.45
N MET B 362 -8.05 4.04 25.09
CA MET B 362 -6.68 3.80 25.60
C MET B 362 -6.72 3.94 27.12
N GLU B 363 -5.77 4.63 27.75
CA GLU B 363 -5.77 4.82 29.20
C GLU B 363 -6.37 6.15 29.62
N ASN B 364 -7.17 6.77 28.75
CA ASN B 364 -7.59 8.15 28.99
C ASN B 364 -8.45 8.27 30.24
N LYS B 365 -9.20 7.23 30.60
CA LYS B 365 -10.04 7.32 31.78
C LYS B 365 -9.23 7.51 33.05
N THR B 366 -7.93 7.19 33.05
CA THR B 366 -7.12 7.42 34.24
C THR B 366 -6.90 8.89 34.54
N PHE B 367 -7.06 9.79 33.56
CA PHE B 367 -6.84 11.21 33.82
C PHE B 367 -8.06 12.10 33.59
N LEU B 368 -9.12 11.60 32.96
CA LEU B 368 -10.18 12.49 32.50
C LEU B 368 -10.81 13.27 33.65
N GLU B 369 -11.36 12.57 34.65
CA GLU B 369 -11.98 13.29 35.76
C GLU B 369 -10.95 14.09 36.56
N LYS B 370 -9.78 13.50 36.82
CA LYS B 370 -8.78 14.18 37.65
C LYS B 370 -8.33 15.50 37.03
N LEU B 371 -8.36 15.62 35.70
CA LEU B 371 -7.95 16.85 35.04
C LEU B 371 -9.13 17.75 34.70
N LYS B 372 -10.29 17.51 35.32
CA LYS B 372 -11.47 18.36 35.20
C LYS B 372 -12.12 18.29 33.81
N PHE B 373 -11.96 17.18 33.09
CA PHE B 373 -12.81 16.98 31.92
C PHE B 373 -14.25 16.72 32.37
N GLY B 374 -15.19 17.12 31.53
CA GLY B 374 -16.61 16.83 31.74
C GLY B 374 -17.14 15.92 30.64
N ILE B 375 -17.99 14.97 31.02
CA ILE B 375 -18.46 13.99 30.05
C ILE B 375 -19.32 14.69 29.00
N GLY B 376 -19.20 14.25 27.75
CA GLY B 376 -19.99 14.80 26.68
C GLY B 376 -21.28 14.05 26.46
N ASP B 377 -22.10 14.58 25.54
CA ASP B 377 -23.39 14.00 25.24
C ASP B 377 -23.36 13.13 23.98
N GLY B 378 -22.21 13.04 23.31
CA GLY B 378 -22.08 12.26 22.10
C GLY B 378 -21.16 11.07 22.30
N ASN B 379 -21.49 9.97 21.65
CA ASN B 379 -20.63 8.80 21.59
C ASN B 379 -19.97 8.72 20.22
N LEU B 380 -18.84 8.02 20.17
CA LEU B 380 -18.17 7.71 18.92
C LEU B 380 -18.11 6.20 18.82
N GLN B 381 -18.81 5.65 17.83
CA GLN B 381 -18.82 4.21 17.57
C GLN B 381 -17.70 3.85 16.61
N TYR B 382 -17.05 2.72 16.86
CA TYR B 382 -16.01 2.19 16.00
C TYR B 382 -16.55 0.98 15.26
N TYR B 383 -16.21 0.89 13.97
CA TYR B 383 -16.74 -0.17 13.13
C TYR B 383 -15.65 -0.75 12.25
N LEU B 384 -15.76 -2.06 12.01
CA LEU B 384 -15.02 -2.75 10.96
C LEU B 384 -16.00 -3.25 9.91
N TYR B 385 -15.61 -3.13 8.64
CA TYR B 385 -16.36 -3.64 7.50
C TYR B 385 -15.74 -4.97 7.07
N ASN B 386 -16.57 -6.00 6.94
CA ASN B 386 -16.16 -7.34 6.49
C ASN B 386 -15.13 -7.98 7.42
N TRP B 387 -15.29 -7.74 8.71
CA TRP B 387 -14.45 -8.42 9.70
C TRP B 387 -15.31 -8.65 10.94
N LYS B 388 -15.46 -9.90 11.35
CA LYS B 388 -16.22 -10.23 12.54
C LYS B 388 -15.25 -10.61 13.66
N CYS B 389 -15.43 -9.98 14.81
CA CYS B 389 -14.64 -10.21 16.01
C CYS B 389 -15.45 -9.73 17.19
N PRO B 390 -15.16 -10.22 18.40
CA PRO B 390 -15.90 -9.74 19.57
C PRO B 390 -15.67 -8.26 19.80
N SER B 391 -16.71 -7.62 20.33
CA SER B 391 -16.60 -6.22 20.73
C SER B 391 -15.58 -6.07 21.87
N MET B 392 -15.12 -4.84 22.07
CA MET B 392 -14.14 -4.55 23.11
C MET B 392 -14.56 -3.28 23.82
N GLY B 393 -14.09 -3.14 25.07
CA GLY B 393 -14.31 -1.93 25.80
C GLY B 393 -13.45 -0.78 25.31
N ALA B 394 -13.88 0.44 25.64
CA ALA B 394 -13.24 1.64 25.11
C ALA B 394 -11.76 1.69 25.46
N GLU B 395 -11.40 1.24 26.66
CA GLU B 395 -9.99 1.27 27.08
C GLU B 395 -9.11 0.37 26.22
N LYS B 396 -9.69 -0.52 25.42
CA LYS B 396 -8.91 -1.39 24.53
C LYS B 396 -8.85 -0.87 23.09
N VAL B 397 -9.54 0.22 22.79
CA VAL B 397 -9.45 0.85 21.48
C VAL B 397 -8.22 1.77 21.48
N GLY B 398 -7.31 1.56 20.54
CA GLY B 398 -6.09 2.35 20.45
C GLY B 398 -5.89 2.95 19.07
N LEU B 399 -6.97 3.51 18.53
CA LEU B 399 -7.01 4.08 17.20
C LEU B 399 -7.81 5.37 17.25
N VAL B 400 -7.25 6.44 16.71
CA VAL B 400 -7.88 7.75 16.69
C VAL B 400 -7.97 8.20 15.24
N LEU B 401 -9.19 8.46 14.77
CA LEU B 401 -9.44 8.94 13.41
C LEU B 401 -9.90 10.40 13.45
N GLN B 402 -9.42 11.19 12.50
CA GLN B 402 -9.71 12.64 12.49
C GLN B 402 -11.16 12.99 12.13
N DAB C 1 -16.11 12.59 13.72
CA DAB C 1 -17.21 12.03 12.92
C DAB C 1 -18.48 12.12 13.76
O DAB C 1 -19.58 11.62 13.37
CB DAB C 1 -16.91 10.59 12.52
CG DAB C 1 -15.86 10.61 11.40
ND DAB C 1 -14.64 11.25 11.86
N SER C 2 -18.33 12.77 14.91
CA SER C 2 -19.42 12.97 15.86
C SER C 2 -19.10 14.20 16.70
N PHE C 3 -20.07 15.10 16.85
CA PHE C 3 -19.88 16.32 17.63
C PHE C 3 -20.52 16.14 19.00
N SER C 4 -19.69 16.26 20.05
CA SER C 4 -20.16 16.18 21.41
C SER C 4 -19.97 17.52 22.10
N LYS C 5 -20.82 17.80 23.08
CA LYS C 5 -20.64 18.93 23.97
C LYS C 5 -21.00 18.46 25.38
N PRO C 6 -20.52 19.16 26.42
CA PRO C 6 -20.67 18.64 27.80
C PRO C 6 -22.10 18.25 28.14
N ARG C 7 -22.23 17.05 28.73
CA ARG C 7 -23.49 16.50 29.20
C ARG C 7 -24.17 17.45 30.18
N DAB D 1 17.73 -11.12 -12.84
CA DAB D 1 17.44 -11.59 -14.19
C DAB D 1 18.64 -12.36 -14.72
O DAB D 1 19.80 -12.18 -14.25
CB DAB D 1 17.08 -10.42 -15.10
CG DAB D 1 16.26 -9.41 -14.28
ND DAB D 1 15.96 -8.25 -15.09
N SER D 2 18.37 -13.23 -15.70
CA SER D 2 19.40 -14.07 -16.32
C SER D 2 19.21 -14.11 -17.83
N PHE D 3 20.30 -13.96 -18.57
CA PHE D 3 20.28 -14.09 -20.02
C PHE D 3 20.86 -15.45 -20.39
N SER D 4 20.04 -16.28 -21.04
CA SER D 4 20.43 -17.62 -21.43
C SER D 4 20.33 -17.76 -22.95
N LYS D 5 21.05 -18.75 -23.47
CA LYS D 5 21.06 -19.11 -24.88
C LYS D 5 21.08 -20.64 -24.94
N PRO D 6 20.76 -21.23 -26.10
CA PRO D 6 20.79 -22.69 -26.23
C PRO D 6 22.15 -23.27 -25.83
N ARG D 7 22.11 -24.38 -25.12
CA ARG D 7 23.29 -25.10 -24.68
C ARG D 7 23.76 -26.01 -25.82
S1 MYA E . 19.46 -9.59 -10.63
C2 MYA E . 20.39 -8.67 -11.91
C3 MYA E . 21.76 -8.23 -11.41
N4 MYA E . 22.36 -7.32 -12.40
C5 MYA E . 23.17 -7.75 -13.38
O5 MYA E . 23.46 -8.94 -13.55
C6 MYA E . 23.67 -6.64 -14.32
C7 MYA E . 25.14 -6.77 -14.71
N8 MYA E . 25.95 -6.77 -13.49
C9 MYA E . 26.15 -5.67 -12.73
O9 MYA E . 25.73 -4.54 -12.99
C10 MYA E . 27.05 -5.92 -11.50
O10 MYA E . 27.86 -7.09 -11.75
C11 MYA E . 26.21 -6.11 -10.22
C12 MYA E . 27.12 -6.53 -9.06
C13 MYA E . 25.12 -7.18 -10.41
C14 MYA E . 25.55 -4.77 -9.87
N1A MYA E . 22.29 -9.96 -6.80
O1A MYA E . 29.98 -4.24 -6.31
P1A MYA E . 30.49 -5.63 -6.20
C1X MYA E . 27.04 -9.75 -4.71
C2A MYA E . 22.63 -9.85 -5.45
O2A MYA E . 31.93 -5.86 -5.97
P2A MYA E . 29.67 -5.84 -8.95
C2M MYA E . 18.68 -8.22 -9.83
O2M MYA E . 18.66 -7.09 -10.31
C2X MYA E . 28.44 -10.34 -4.80
O2X MYA E . 28.41 -11.78 -4.75
N3A MYA E . 23.99 -9.82 -5.12
O3A MYA E . 30.00 -6.49 -7.50
C3M MYA E . 18.07 -8.51 -8.44
C3X MYA E . 29.08 -9.76 -3.55
O3X MYA E . 28.51 -10.26 -2.31
P3X MYA E . 29.41 -11.27 -1.39
C4A MYA E . 24.92 -9.88 -6.09
O4A MYA E . 30.41 -4.57 -9.10
C4M MYA E . 19.13 -8.09 -7.38
C4X MYA E . 28.69 -8.31 -3.85
O4X MYA E . 27.28 -8.38 -4.28
C5A MYA E . 24.56 -9.99 -7.37
O5A MYA E . 29.87 -6.91 -9.96
C5M MYA E . 18.65 -8.31 -5.93
C5X MYA E . 29.56 -7.83 -5.03
O5X MYA E . 29.65 -6.40 -5.03
C6A MYA E . 23.27 -10.03 -7.72
N6A MYA E . 22.98 -10.14 -9.01
O6A MYA E . 28.09 -5.51 -8.84
C6M MYA E . 19.74 -7.89 -4.93
N7A MYA E . 25.69 -10.03 -8.10
O7A MYA E . 30.53 -10.38 -1.00
C7M MYA E . 19.35 -8.29 -3.50
C8A MYA E . 26.73 -9.96 -7.26
O8A MYA E . 28.59 -11.73 -0.25
C8M MYA E . 18.23 -7.40 -2.92
N9A MYA E . 26.26 -9.87 -6.01
O9A MYA E . 29.79 -12.33 -2.36
C9M MYA E . 17.94 -7.85 -1.49
CAM MYA E . 16.60 -7.30 -0.95
CBM MYA E . 16.74 -5.81 -0.67
CCM MYA E . 15.41 -5.24 -0.16
CDM MYA E . 15.09 -5.67 1.26
CEM MYA E . 13.70 -5.06 1.61
CFM MYA E . 13.15 -5.53 2.97
C1 GOL F . 15.20 -20.13 1.18
O1 GOL F . 14.30 -21.20 1.14
C2 GOL F . 14.36 -18.89 1.70
O2 GOL F . 14.09 -18.96 3.08
C3 GOL F . 15.19 -17.61 1.36
O3 GOL F . 15.37 -17.53 -0.02
C1 GOL G . 4.52 -8.88 -10.05
O1 GOL G . 4.37 -9.79 -8.97
C2 GOL G . 5.62 -9.42 -10.98
O2 GOL G . 6.62 -8.49 -11.24
C3 GOL G . 4.89 -9.88 -12.24
O3 GOL G . 4.67 -11.23 -12.04
CL CL H . 9.31 7.31 -11.11
CL CL I . 3.73 -20.64 5.85
S1 MYA J . -18.98 9.46 9.72
C2 MYA J . -19.45 11.13 9.16
C3 MYA J . -20.82 11.12 8.49
N4 MYA J . -21.11 12.44 7.93
C5 MYA J . -21.92 13.31 8.55
O5 MYA J . -22.47 13.08 9.64
C6 MYA J . -22.12 14.64 7.82
C7 MYA J . -23.56 15.17 7.94
N8 MYA J . -24.51 14.16 7.42
C9 MYA J . -24.55 13.81 6.12
O9 MYA J . -23.85 14.35 5.25
C10 MYA J . -25.61 12.76 5.73
O10 MYA J . -26.67 12.76 6.70
C11 MYA J . -25.02 11.33 5.60
C12 MYA J . -26.16 10.33 5.42
C13 MYA J . -24.28 10.94 6.88
C14 MYA J . -24.10 11.27 4.40
N1A MYA J . -22.22 6.06 8.06
O1A MYA J . -28.62 9.00 1.75
P1A MYA J . -29.38 8.67 2.97
C1X MYA J . -27.10 5.14 6.55
C2A MYA J . -22.71 4.96 7.35
O2A MYA J . -30.87 8.71 2.91
P2A MYA J . -28.43 11.14 4.32
C2M MYA J . -18.03 8.93 8.31
O2M MYA J . -17.61 9.71 7.46
C2X MYA J . -28.50 5.11 7.12
O2X MYA J . -28.56 4.30 8.29
N3A MYA J . -24.07 4.92 7.05
O3A MYA J . -28.82 9.56 4.28
C3M MYA J . -17.78 7.43 8.22
C3X MYA J . -29.27 4.43 5.99
O3X MYA J . -28.97 3.02 5.93
P3X MYA J . -30.10 2.01 6.48
C4A MYA J . -24.86 5.92 7.46
O4A MYA J . -29.08 11.14 5.67
C4M MYA J . -18.76 6.85 7.17
C4X MYA J . -28.70 5.24 4.81
O4X MYA J . -27.33 5.66 5.23
C5A MYA J . -24.36 6.98 8.13
O5A MYA J . -29.09 11.41 3.05
C5M MYA J . -18.46 5.36 6.93
C5X MYA J . -29.48 6.56 4.61
O5X MYA J . -29.02 7.17 3.39
C6A MYA J . -23.05 7.03 8.43
N6A MYA J . -22.60 8.08 9.11
O6A MYA J . -26.87 10.61 4.22
C6M MYA J . -19.43 4.84 5.85
N7A MYA J . -25.38 7.80 8.39
O7A MYA J . -29.41 0.71 6.57
C7M MYA J . -19.40 3.30 5.77
C8A MYA J . -26.50 7.26 7.87
O8A MYA J . -30.49 2.56 7.78
C8M MYA J . -18.12 2.82 5.10
N9A MYA J . -26.18 6.09 7.29
O9A MYA J . -31.13 2.08 5.43
C9M MYA J . -18.17 1.29 4.89
CAM MYA J . -16.80 0.79 4.38
CBM MYA J . -16.68 1.08 2.88
CCM MYA J . -15.33 0.61 2.33
CDM MYA J . -15.21 -0.91 2.29
CEM MYA J . -13.85 -1.27 1.64
CFM MYA J . -13.69 -2.81 1.56
C1 GOL K . -18.22 -5.93 15.56
O1 GOL K . -17.63 -6.53 16.69
C2 GOL K . -17.18 -6.14 14.43
O2 GOL K . -17.13 -7.45 14.05
C3 GOL K . -17.59 -5.18 13.27
O3 GOL K . -17.61 -3.86 13.79
C1 GOL L . -3.81 6.37 11.64
O1 GOL L . -4.48 5.29 11.01
C2 GOL L . -4.87 7.27 12.32
O2 GOL L . -4.59 7.50 13.65
C3 GOL L . -4.93 8.60 11.49
O3 GOL L . -6.13 8.53 10.70
C1 GOL M . -13.99 35.08 17.80
O1 GOL M . -14.49 34.73 19.06
C2 GOL M . -14.94 34.43 16.75
O2 GOL M . -15.66 33.39 17.31
C3 GOL M . -15.84 35.57 16.25
O3 GOL M . -15.27 36.11 15.11
#